data_5KKG
#
_entry.id   5KKG
#
_cell.length_a   132.529
_cell.length_b   132.529
_cell.length_c   117.438
_cell.angle_alpha   90.000
_cell.angle_beta   90.000
_cell.angle_gamma   90.000
#
_symmetry.space_group_name_H-M   'P 41 21 2'
#
loop_
_entity.id
_entity.type
_entity.pdbx_description
1 polymer 'ancMT E72A'
2 non-polymer 'ADENOSINE MONOPHOSPHATE'
3 non-polymer 'IODIDE ION'
4 non-polymer GLYCEROL
5 water water
#
_entity_poly.entity_id   1
_entity_poly.type   'polypeptide(L)'
_entity_poly.pdbx_seq_one_letter_code
;MGSSHHHHHHSSGENLYFQGHMEDIKKISIFLAYNVNVDAIKYLKEEDIQKLIEEFGEEEIIEKIEEYPRKIKEPLDFVA
RLIHAIKTGKPAAVPLDNEELNKWFDSLFKYDEERMGGQVGIIANLLAILDLKKVIAYSPLLSKKQAEMFNNDLLYPIVE
NGKLVLKKPIEAYKDNDPIKINRIFEFKEGIKFKLGDEKIIAPQANRFIVASRPENLARIEIKEDLKKYLPEIGEMVDCA
ILSGYQGIKEKYSDGKTAEYYFKRAKEDIKLLKKKDIKVHLEFASIQNIKIRKKVVDYILPNVDSVGMDETEIANILNIL
GYEELSEKILKDSKIEDVIEGAKILLDKFNLEVVQVHTIYYILFISKKDNPLSKEELKKTLEFATILAATKAKLGDIKNI
EDLKVGLKVPHNKYGELLKEIVEKLKKKKKKEDYKIVLIPSRFVENPKSTVGLGDTISTGAFVSYVSLLKKK
;
_entity_poly.pdbx_strand_id   A,B
#
loop_
_chem_comp.id
_chem_comp.type
_chem_comp.name
_chem_comp.formula
AMP non-polymer 'ADENOSINE MONOPHOSPHATE' 'C10 H14 N5 O7 P'
GOL non-polymer GLYCEROL 'C3 H8 O3'
IOD non-polymer 'IODIDE ION' 'I -1'
#
# COMPACT_ATOMS: atom_id res chain seq x y z
N HIS A 21 28.21 -35.78 11.30
CA HIS A 21 26.81 -35.64 10.93
C HIS A 21 26.00 -36.81 11.49
N MET A 22 26.58 -37.52 12.46
CA MET A 22 25.84 -38.59 13.13
C MET A 22 24.64 -38.01 13.86
N GLU A 23 23.53 -38.74 13.81
CA GLU A 23 22.25 -38.24 14.31
C GLU A 23 21.88 -38.95 15.62
N ASP A 24 22.12 -38.25 16.73
CA ASP A 24 21.54 -38.62 18.02
C ASP A 24 20.10 -38.16 18.16
N ILE A 25 19.56 -37.53 17.11
CA ILE A 25 18.19 -37.07 17.11
C ILE A 25 17.21 -38.23 17.09
N LYS A 26 17.57 -39.34 16.46
CA LYS A 26 16.68 -40.49 16.35
C LYS A 26 16.29 -41.08 17.71
N LYS A 27 17.05 -40.77 18.77
CA LYS A 27 16.78 -41.29 20.10
C LYS A 27 15.83 -40.41 20.90
N ILE A 28 15.08 -39.53 20.24
CA ILE A 28 14.24 -38.54 20.91
C ILE A 28 12.78 -38.83 20.64
N SER A 29 11.98 -38.85 21.70
CA SER A 29 10.52 -38.89 21.60
C SER A 29 9.95 -37.52 21.88
N ILE A 30 8.84 -37.19 21.22
CA ILE A 30 8.31 -35.84 21.23
C ILE A 30 6.80 -35.88 21.13
N PHE A 31 6.13 -34.91 21.77
CA PHE A 31 4.69 -34.75 21.72
C PHE A 31 4.35 -33.42 21.05
N LEU A 32 3.32 -33.42 20.21
CA LEU A 32 2.95 -32.26 19.42
C LEU A 32 1.46 -31.95 19.54
N ALA A 33 1.13 -30.66 19.58
CA ALA A 33 -0.24 -30.18 19.69
C ALA A 33 -0.23 -28.69 19.31
N TYR A 34 -1.34 -28.13 18.80
CA TYR A 34 -2.65 -28.78 18.69
C TYR A 34 -3.22 -28.79 17.26
N ASN A 35 -2.63 -28.02 16.36
CA ASN A 35 -3.29 -27.64 15.11
C ASN A 35 -2.87 -28.54 13.95
N VAL A 36 -3.85 -29.22 13.35
CA VAL A 36 -3.67 -30.03 12.16
C VAL A 36 -4.81 -29.71 11.20
N ASN A 37 -4.50 -29.63 9.90
CA ASN A 37 -5.52 -29.34 8.91
C ASN A 37 -5.07 -29.88 7.56
N VAL A 38 -5.95 -29.75 6.56
CA VAL A 38 -5.68 -30.13 5.18
C VAL A 38 -5.51 -28.85 4.36
N ASP A 39 -4.45 -28.80 3.56
CA ASP A 39 -4.18 -27.64 2.70
C ASP A 39 -4.52 -28.02 1.26
N ALA A 40 -5.55 -27.37 0.71
CA ALA A 40 -5.92 -27.50 -0.70
C ALA A 40 -5.40 -26.27 -1.42
N ILE A 41 -4.43 -26.47 -2.31
CA ILE A 41 -3.70 -25.37 -2.93
C ILE A 41 -4.04 -25.29 -4.41
N LYS A 42 -4.22 -24.07 -4.89
CA LYS A 42 -4.44 -23.78 -6.31
C LYS A 42 -3.35 -22.85 -6.80
N TYR A 43 -2.65 -23.26 -7.86
CA TYR A 43 -1.58 -22.46 -8.45
C TYR A 43 -2.17 -21.64 -9.59
N LEU A 44 -2.44 -20.37 -9.32
CA LEU A 44 -3.15 -19.53 -10.28
C LEU A 44 -2.26 -19.14 -11.46
N LYS A 45 -2.90 -18.96 -12.60
CA LYS A 45 -2.26 -18.46 -13.81
C LYS A 45 -3.15 -17.39 -14.42
N GLU A 46 -2.68 -16.76 -15.50
CA GLU A 46 -3.45 -15.70 -16.14
C GLU A 46 -4.76 -16.24 -16.69
N GLU A 47 -4.74 -17.47 -17.23
CA GLU A 47 -5.95 -18.04 -17.81
C GLU A 47 -7.03 -18.30 -16.75
N ASP A 48 -6.63 -18.60 -15.52
CA ASP A 48 -7.61 -18.90 -14.47
C ASP A 48 -8.36 -17.65 -14.06
N ILE A 49 -7.67 -16.52 -13.92
CA ILE A 49 -8.33 -15.28 -13.51
C ILE A 49 -9.20 -14.74 -14.63
N GLN A 50 -8.74 -14.88 -15.88
CA GLN A 50 -9.54 -14.44 -17.02
C GLN A 50 -10.87 -15.17 -17.08
N LYS A 51 -10.87 -16.47 -16.76
CA LYS A 51 -12.12 -17.23 -16.77
C LYS A 51 -13.09 -16.73 -15.71
N LEU A 52 -12.57 -16.31 -14.54
CA LEU A 52 -13.45 -15.78 -13.50
C LEU A 52 -14.07 -14.46 -13.92
N ILE A 53 -13.31 -13.61 -14.61
CA ILE A 53 -13.83 -12.32 -15.03
C ILE A 53 -15.02 -12.49 -15.97
N GLU A 54 -14.88 -13.37 -16.97
CA GLU A 54 -15.95 -13.57 -17.93
C GLU A 54 -17.16 -14.22 -17.27
N GLU A 55 -16.93 -15.19 -16.38
CA GLU A 55 -18.04 -15.94 -15.82
C GLU A 55 -18.90 -15.09 -14.89
N PHE A 56 -18.26 -14.22 -14.10
CA PHE A 56 -18.99 -13.43 -13.11
C PHE A 56 -19.21 -11.98 -13.53
N GLY A 57 -18.56 -11.53 -14.59
CA GLY A 57 -18.79 -10.18 -15.09
C GLY A 57 -17.79 -9.16 -14.60
N GLU A 58 -17.23 -8.37 -15.50
CA GLU A 58 -16.23 -7.38 -15.11
C GLU A 58 -16.85 -6.26 -14.27
N GLU A 59 -18.09 -5.89 -14.59
CA GLU A 59 -18.72 -4.78 -13.89
C GLU A 59 -19.22 -5.18 -12.50
N GLU A 60 -19.71 -6.41 -12.36
CA GLU A 60 -20.16 -6.87 -11.05
C GLU A 60 -18.99 -7.04 -10.08
N ILE A 61 -17.81 -7.43 -10.59
CA ILE A 61 -16.65 -7.58 -9.72
C ILE A 61 -16.17 -6.23 -9.23
N ILE A 62 -16.10 -5.24 -10.12
CA ILE A 62 -15.67 -3.90 -9.73
C ILE A 62 -16.59 -3.33 -8.65
N GLU A 63 -17.90 -3.49 -8.83
CA GLU A 63 -18.84 -3.04 -7.82
C GLU A 63 -18.62 -3.76 -6.50
N LYS A 64 -18.30 -5.06 -6.56
CA LYS A 64 -18.10 -5.84 -5.34
C LYS A 64 -16.78 -5.47 -4.66
N ILE A 65 -15.75 -5.14 -5.45
CA ILE A 65 -14.46 -4.77 -4.86
C ILE A 65 -14.61 -3.50 -4.03
N GLU A 66 -15.42 -2.55 -4.49
CA GLU A 66 -15.69 -1.36 -3.69
C GLU A 66 -16.42 -1.70 -2.40
N GLU A 67 -17.26 -2.75 -2.43
CA GLU A 67 -17.96 -3.17 -1.23
C GLU A 67 -16.99 -3.75 -0.20
N TYR A 68 -15.99 -4.51 -0.68
CA TYR A 68 -14.96 -5.12 0.15
C TYR A 68 -15.60 -5.99 1.23
N PRO A 69 -16.13 -7.16 0.87
CA PRO A 69 -16.79 -8.00 1.87
C PRO A 69 -15.82 -8.54 2.91
N ARG A 70 -16.25 -8.51 4.18
CA ARG A 70 -15.42 -9.04 5.25
C ARG A 70 -15.44 -10.57 5.24
N LYS A 71 -16.58 -11.15 4.89
CA LYS A 71 -16.71 -12.60 4.77
C LYS A 71 -17.27 -12.93 3.39
N ILE A 72 -17.05 -14.17 2.98
CA ILE A 72 -17.46 -14.66 1.67
C ILE A 72 -18.81 -15.36 1.83
N LYS A 73 -19.87 -14.72 1.32
CA LYS A 73 -21.21 -15.27 1.37
C LYS A 73 -21.70 -15.81 0.04
N GLU A 74 -21.27 -15.21 -1.07
CA GLU A 74 -21.61 -15.65 -2.42
C GLU A 74 -20.31 -15.80 -3.21
N PRO A 75 -20.34 -16.56 -4.30
CA PRO A 75 -19.10 -16.74 -5.09
C PRO A 75 -18.47 -15.44 -5.55
N LEU A 76 -19.27 -14.38 -5.75
CA LEU A 76 -18.72 -13.10 -6.16
C LEU A 76 -17.85 -12.47 -5.08
N ASP A 77 -18.08 -12.81 -3.80
CA ASP A 77 -17.24 -12.30 -2.73
C ASP A 77 -15.81 -12.82 -2.86
N PHE A 78 -15.65 -14.13 -3.08
CA PHE A 78 -14.31 -14.70 -3.23
C PHE A 78 -13.60 -14.09 -4.43
N VAL A 79 -14.32 -13.87 -5.53
CA VAL A 79 -13.71 -13.31 -6.73
C VAL A 79 -13.19 -11.90 -6.47
N ALA A 80 -13.99 -11.08 -5.77
CA ALA A 80 -13.58 -9.70 -5.53
C ALA A 80 -12.40 -9.63 -4.57
N ARG A 81 -12.43 -10.40 -3.49
CA ARG A 81 -11.34 -10.37 -2.52
C ARG A 81 -10.06 -10.94 -3.10
N LEU A 82 -10.15 -11.92 -3.99
CA LEU A 82 -8.96 -12.48 -4.61
C LEU A 82 -8.28 -11.45 -5.52
N ILE A 83 -9.07 -10.80 -6.37
CA ILE A 83 -8.50 -9.81 -7.28
C ILE A 83 -7.95 -8.62 -6.51
N HIS A 84 -8.64 -8.23 -5.42
CA HIS A 84 -8.16 -7.12 -4.60
C HIS A 84 -6.80 -7.45 -3.99
N ALA A 85 -6.60 -8.69 -3.54
CA ALA A 85 -5.34 -9.05 -2.90
C ALA A 85 -4.21 -9.11 -3.93
N ILE A 86 -4.50 -9.60 -5.14
CA ILE A 86 -3.48 -9.67 -6.18
C ILE A 86 -3.01 -8.28 -6.57
N LYS A 87 -3.89 -7.29 -6.51
CA LYS A 87 -3.52 -5.93 -6.91
C LYS A 87 -2.48 -5.34 -5.97
N THR A 88 -2.58 -5.64 -4.67
CA THR A 88 -1.66 -5.10 -3.68
C THR A 88 -0.42 -5.98 -3.47
N GLY A 89 -0.49 -7.26 -3.85
CA GLY A 89 0.63 -8.15 -3.62
C GLY A 89 0.87 -8.51 -2.17
N LYS A 90 -0.02 -8.09 -1.25
CA LYS A 90 0.04 -8.32 0.18
C LYS A 90 -0.82 -9.51 0.58
N PRO A 91 -0.46 -10.24 1.63
CA PRO A 91 -1.24 -11.42 2.00
C PRO A 91 -2.60 -11.05 2.57
N ALA A 92 -3.57 -11.92 2.33
CA ALA A 92 -4.94 -11.69 2.78
C ALA A 92 -5.60 -13.03 3.07
N ALA A 93 -6.45 -13.06 4.10
CA ALA A 93 -7.15 -14.27 4.50
C ALA A 93 -8.59 -13.92 4.83
N VAL A 94 -9.53 -14.54 4.14
CA VAL A 94 -10.96 -14.26 4.31
C VAL A 94 -11.69 -15.56 4.59
N PRO A 95 -12.48 -15.64 5.66
CA PRO A 95 -13.20 -16.88 5.96
C PRO A 95 -14.52 -16.98 5.20
N LEU A 96 -15.00 -18.22 5.09
CA LEU A 96 -16.34 -18.45 4.60
C LEU A 96 -17.36 -18.05 5.67
N ASP A 97 -18.50 -17.52 5.23
CA ASP A 97 -19.50 -17.03 6.18
C ASP A 97 -20.04 -18.17 7.03
N ASN A 98 -20.19 -19.36 6.45
CA ASN A 98 -20.77 -20.50 7.15
C ASN A 98 -20.07 -21.76 6.67
N GLU A 99 -19.95 -22.73 7.59
CA GLU A 99 -19.33 -24.01 7.26
C GLU A 99 -20.19 -24.85 6.33
N GLU A 100 -21.47 -24.52 6.14
CA GLU A 100 -22.31 -25.22 5.19
C GLU A 100 -22.00 -24.87 3.74
N LEU A 101 -21.14 -23.89 3.51
CA LEU A 101 -20.74 -23.49 2.16
C LEU A 101 -19.48 -24.21 1.69
N ASN A 102 -18.92 -25.11 2.51
CA ASN A 102 -17.64 -25.74 2.16
C ASN A 102 -17.75 -26.59 0.90
N LYS A 103 -18.75 -27.49 0.86
CA LYS A 103 -18.91 -28.35 -0.30
C LYS A 103 -19.20 -27.56 -1.56
N TRP A 104 -19.92 -26.44 -1.42
CA TRP A 104 -20.23 -25.62 -2.60
C TRP A 104 -19.00 -24.88 -3.09
N PHE A 105 -18.18 -24.36 -2.18
CA PHE A 105 -16.96 -23.67 -2.58
C PHE A 105 -15.99 -24.63 -3.26
N ASP A 106 -15.83 -25.83 -2.70
CA ASP A 106 -14.87 -26.79 -3.25
C ASP A 106 -15.30 -27.32 -4.61
N SER A 107 -16.61 -27.49 -4.83
CA SER A 107 -17.08 -27.92 -6.14
C SER A 107 -17.00 -26.81 -7.18
N LEU A 108 -16.95 -25.56 -6.75
CA LEU A 108 -16.94 -24.42 -7.66
C LEU A 108 -15.53 -23.98 -8.03
N PHE A 109 -14.61 -23.96 -7.07
CA PHE A 109 -13.22 -23.55 -7.28
C PHE A 109 -12.32 -24.71 -6.92
N LYS A 110 -12.13 -25.63 -7.87
CA LYS A 110 -11.40 -26.86 -7.61
C LYS A 110 -9.92 -26.59 -7.36
N TYR A 111 -9.32 -27.44 -6.52
CA TYR A 111 -7.92 -27.34 -6.14
C TYR A 111 -7.04 -28.09 -7.15
N ASP A 112 -5.73 -27.87 -7.03
CA ASP A 112 -4.75 -28.60 -7.82
C ASP A 112 -4.16 -29.78 -7.07
N GLU A 113 -3.94 -29.65 -5.76
CA GLU A 113 -3.40 -30.75 -4.96
C GLU A 113 -3.73 -30.51 -3.50
N GLU A 114 -3.78 -31.60 -2.74
CA GLU A 114 -4.02 -31.58 -1.31
C GLU A 114 -2.84 -32.19 -0.58
N ARG A 115 -2.52 -31.64 0.59
CA ARG A 115 -1.43 -32.17 1.42
C ARG A 115 -1.67 -31.75 2.86
N MET A 116 -0.81 -32.23 3.75
CA MET A 116 -0.94 -31.95 5.17
C MET A 116 -0.66 -30.47 5.46
N GLY A 117 -1.50 -29.87 6.30
CA GLY A 117 -1.31 -28.50 6.71
C GLY A 117 -1.33 -28.39 8.23
N GLY A 118 -0.85 -27.25 8.70
CA GLY A 118 -0.77 -27.00 10.12
C GLY A 118 0.62 -27.27 10.67
N GLN A 119 0.94 -26.59 11.77
CA GLN A 119 2.29 -26.70 12.33
C GLN A 119 2.54 -28.09 12.90
N VAL A 120 1.53 -28.68 13.53
CA VAL A 120 1.70 -30.04 14.08
C VAL A 120 1.84 -31.05 12.97
N GLY A 121 0.92 -31.02 12.00
CA GLY A 121 0.92 -32.03 10.94
C GLY A 121 2.18 -32.01 10.11
N ILE A 122 2.64 -30.82 9.72
CA ILE A 122 3.82 -30.70 8.88
C ILE A 122 5.05 -31.17 9.62
N ILE A 123 5.25 -30.68 10.85
CA ILE A 123 6.46 -31.00 11.60
C ILE A 123 6.45 -32.46 12.03
N ALA A 124 5.30 -33.00 12.42
CA ALA A 124 5.24 -34.40 12.83
C ALA A 124 5.62 -35.33 11.70
N ASN A 125 5.11 -35.06 10.48
CA ASN A 125 5.49 -35.88 9.34
C ASN A 125 6.98 -35.77 9.04
N LEU A 126 7.55 -34.57 9.22
CA LEU A 126 8.99 -34.41 9.02
C LEU A 126 9.78 -35.18 10.06
N LEU A 127 9.36 -35.10 11.34
CA LEU A 127 10.06 -35.84 12.38
C LEU A 127 9.92 -37.34 12.21
N ALA A 128 8.78 -37.80 11.68
CA ALA A 128 8.62 -39.22 11.40
C ALA A 128 9.55 -39.65 10.27
N ILE A 129 9.76 -38.77 9.28
CA ILE A 129 10.69 -39.09 8.19
C ILE A 129 12.11 -39.20 8.73
N LEU A 130 12.47 -38.36 9.69
CA LEU A 130 13.81 -38.36 10.27
C LEU A 130 14.04 -39.49 11.26
N ASP A 131 13.14 -40.48 11.31
CA ASP A 131 13.33 -41.70 12.11
C ASP A 131 13.47 -41.40 13.60
N LEU A 132 12.60 -40.52 14.10
CA LEU A 132 12.59 -40.29 15.54
C LEU A 132 12.02 -41.50 16.27
N LYS A 133 12.41 -41.65 17.53
CA LYS A 133 12.05 -42.85 18.28
C LYS A 133 10.54 -42.96 18.48
N LYS A 134 9.88 -41.86 18.83
CA LYS A 134 8.44 -41.86 19.01
C LYS A 134 7.92 -40.44 18.85
N VAL A 135 6.92 -40.28 17.98
CA VAL A 135 6.34 -38.98 17.68
C VAL A 135 4.84 -39.07 17.93
N ILE A 136 4.37 -38.42 18.99
CA ILE A 136 2.96 -38.43 19.37
C ILE A 136 2.37 -37.09 18.97
N ALA A 137 1.41 -37.12 18.03
CA ALA A 137 0.75 -35.92 17.55
C ALA A 137 -0.72 -35.97 17.93
N TYR A 138 -1.26 -34.82 18.35
CA TYR A 138 -2.65 -34.73 18.77
C TYR A 138 -3.34 -33.57 18.07
N SER A 139 -4.60 -33.80 17.70
CA SER A 139 -5.46 -32.79 17.09
C SER A 139 -6.89 -33.12 17.45
N PRO A 140 -7.75 -32.11 17.61
CA PRO A 140 -9.15 -32.39 18.01
C PRO A 140 -9.93 -33.20 16.99
N LEU A 141 -9.78 -32.91 15.70
CA LEU A 141 -10.54 -33.60 14.66
C LEU A 141 -9.67 -34.65 13.98
N LEU A 142 -10.28 -35.79 13.66
CA LEU A 142 -9.56 -36.89 13.01
C LEU A 142 -10.54 -37.66 12.10
N SER A 143 -10.85 -37.06 10.95
CA SER A 143 -11.64 -37.76 9.95
C SER A 143 -10.75 -38.70 9.14
N LYS A 144 -11.40 -39.54 8.32
CA LYS A 144 -10.65 -40.51 7.53
C LYS A 144 -9.74 -39.81 6.52
N LYS A 145 -10.24 -38.77 5.86
CA LYS A 145 -9.43 -38.05 4.88
C LYS A 145 -8.25 -37.36 5.54
N GLN A 146 -8.44 -36.87 6.77
CA GLN A 146 -7.35 -36.23 7.50
C GLN A 146 -6.37 -37.26 8.05
N ALA A 147 -6.87 -38.38 8.59
CA ALA A 147 -5.99 -39.40 9.15
C ALA A 147 -5.11 -40.06 8.11
N GLU A 148 -5.49 -40.00 6.83
CA GLU A 148 -4.64 -40.53 5.77
C GLU A 148 -3.48 -39.62 5.42
N MET A 149 -3.50 -38.37 5.89
CA MET A 149 -2.39 -37.46 5.65
C MET A 149 -1.20 -37.75 6.57
N PHE A 150 -1.46 -38.35 7.72
CA PHE A 150 -0.39 -38.62 8.68
C PHE A 150 0.54 -39.71 8.16
N ASN A 151 1.80 -39.60 8.55
CA ASN A 151 2.74 -40.70 8.35
C ASN A 151 2.35 -41.89 9.20
N ASN A 152 2.56 -43.09 8.66
CA ASN A 152 2.12 -44.30 9.35
C ASN A 152 2.86 -44.51 10.67
N ASP A 153 4.04 -43.93 10.83
CA ASP A 153 4.80 -44.08 12.07
C ASP A 153 4.29 -43.19 13.21
N LEU A 154 3.45 -42.20 12.91
CA LEU A 154 2.95 -41.32 13.94
C LEU A 154 1.98 -42.04 14.86
N LEU A 155 1.91 -41.57 16.11
CA LEU A 155 1.03 -42.15 17.12
C LEU A 155 0.07 -41.06 17.61
N TYR A 156 -1.16 -41.49 17.90
CA TYR A 156 -2.23 -40.59 18.31
C TYR A 156 -2.79 -41.06 19.65
N PRO A 157 -2.92 -40.17 20.64
CA PRO A 157 -3.36 -40.61 21.97
C PRO A 157 -4.86 -40.88 22.01
N ILE A 158 -5.24 -42.02 22.55
CA ILE A 158 -6.63 -42.45 22.65
C ILE A 158 -6.86 -43.06 24.02
N VAL A 159 -8.01 -42.74 24.62
CA VAL A 159 -8.42 -43.33 25.90
C VAL A 159 -9.45 -44.40 25.62
N GLU A 160 -9.17 -45.63 26.04
CA GLU A 160 -10.13 -46.71 25.94
C GLU A 160 -9.93 -47.65 27.12
N ASN A 161 -11.05 -48.11 27.68
CA ASN A 161 -11.04 -49.01 28.84
C ASN A 161 -10.30 -48.39 30.03
N GLY A 162 -10.43 -47.08 30.17
CA GLY A 162 -9.84 -46.37 31.28
C GLY A 162 -8.32 -46.34 31.28
N LYS A 163 -7.72 -46.31 30.09
CA LYS A 163 -6.26 -46.28 30.00
C LYS A 163 -5.85 -45.51 28.75
N LEU A 164 -4.63 -45.00 28.77
CA LEU A 164 -4.08 -44.28 27.62
C LEU A 164 -3.48 -45.28 26.64
N VAL A 165 -3.97 -45.27 25.40
CA VAL A 165 -3.51 -46.17 24.36
C VAL A 165 -3.04 -45.34 23.18
N LEU A 166 -1.81 -45.61 22.72
CA LEU A 166 -1.24 -44.96 21.55
C LEU A 166 -1.44 -45.86 20.34
N LYS A 167 -2.19 -45.38 19.36
CA LYS A 167 -2.44 -46.13 18.14
C LYS A 167 -2.23 -45.22 16.93
N LYS A 168 -2.08 -45.86 15.76
CA LYS A 168 -1.82 -45.11 14.55
C LYS A 168 -3.07 -44.35 14.11
N PRO A 169 -2.89 -43.20 13.46
CA PRO A 169 -4.06 -42.36 13.11
C PRO A 169 -5.05 -43.04 12.18
N ILE A 170 -4.60 -43.94 11.32
CA ILE A 170 -5.52 -44.61 10.40
C ILE A 170 -6.38 -45.63 11.13
N GLU A 171 -5.98 -46.02 12.34
CA GLU A 171 -6.75 -46.97 13.15
C GLU A 171 -7.54 -46.28 14.25
N ALA A 172 -7.51 -44.95 14.32
CA ALA A 172 -8.21 -44.21 15.35
C ALA A 172 -9.08 -43.09 14.79
N TYR A 173 -9.34 -43.08 13.48
CA TYR A 173 -10.15 -42.03 12.89
C TYR A 173 -11.63 -42.26 13.22
N LYS A 174 -12.43 -41.22 13.00
CA LYS A 174 -13.86 -41.27 13.27
C LYS A 174 -14.61 -40.77 12.05
N ASP A 175 -15.64 -41.52 11.65
CA ASP A 175 -16.34 -41.20 10.41
C ASP A 175 -17.16 -39.92 10.54
N ASN A 176 -17.78 -39.71 11.71
CA ASN A 176 -18.64 -38.54 11.90
C ASN A 176 -17.87 -37.25 12.09
N ASP A 177 -16.55 -37.30 12.22
CA ASP A 177 -15.78 -36.12 12.54
C ASP A 177 -15.74 -35.16 11.36
N PRO A 178 -15.87 -33.85 11.59
CA PRO A 178 -15.69 -32.88 10.51
C PRO A 178 -14.24 -32.78 10.10
N ILE A 179 -13.98 -32.00 9.06
CA ILE A 179 -12.64 -31.80 8.54
C ILE A 179 -12.38 -30.31 8.36
N LYS A 180 -11.18 -29.88 8.72
CA LYS A 180 -10.77 -28.49 8.58
C LYS A 180 -9.83 -28.39 7.38
N ILE A 181 -10.18 -27.51 6.45
CA ILE A 181 -9.44 -27.36 5.20
C ILE A 181 -9.18 -25.88 4.96
N ASN A 182 -7.94 -25.54 4.62
CA ASN A 182 -7.57 -24.20 4.21
C ASN A 182 -7.41 -24.17 2.69
N ARG A 183 -8.16 -23.30 2.03
CA ARG A 183 -8.09 -23.17 0.57
C ARG A 183 -7.10 -22.06 0.24
N ILE A 184 -5.96 -22.42 -0.34
CA ILE A 184 -4.87 -21.50 -0.60
C ILE A 184 -4.76 -21.28 -2.11
N PHE A 185 -4.58 -20.02 -2.50
CA PHE A 185 -4.46 -19.63 -3.91
C PHE A 185 -3.16 -18.85 -4.08
N GLU A 186 -2.21 -19.45 -4.78
CA GLU A 186 -0.90 -18.85 -5.00
C GLU A 186 -0.84 -18.19 -6.37
N PHE A 187 -0.26 -16.99 -6.42
CA PHE A 187 -0.08 -16.27 -7.68
C PHE A 187 1.36 -15.75 -7.75
N LYS A 188 1.96 -15.89 -8.93
CA LYS A 188 3.34 -15.45 -9.14
C LYS A 188 3.39 -13.94 -9.33
N GLU A 189 4.59 -13.39 -9.17
CA GLU A 189 4.81 -11.97 -9.39
C GLU A 189 4.62 -11.64 -10.87
N GLY A 190 4.00 -10.50 -11.14
CA GLY A 190 3.86 -10.04 -12.50
C GLY A 190 2.75 -10.68 -13.30
N ILE A 191 1.82 -11.38 -12.66
CA ILE A 191 0.68 -11.93 -13.38
C ILE A 191 -0.21 -10.77 -13.83
N LYS A 192 -0.55 -10.77 -15.11
CA LYS A 192 -1.19 -9.63 -15.75
C LYS A 192 -2.57 -10.02 -16.27
N PHE A 193 -3.56 -9.17 -16.00
CA PHE A 193 -4.89 -9.31 -16.58
C PHE A 193 -5.53 -7.93 -16.59
N LYS A 194 -6.62 -7.80 -17.33
CA LYS A 194 -7.34 -6.54 -17.48
C LYS A 194 -8.71 -6.65 -16.83
N LEU A 195 -9.06 -5.66 -16.01
CA LEU A 195 -10.36 -5.59 -15.35
C LEU A 195 -10.94 -4.21 -15.63
N GLY A 196 -11.98 -4.15 -16.46
CA GLY A 196 -12.50 -2.86 -16.88
C GLY A 196 -11.49 -2.13 -17.74
N ASP A 197 -11.30 -0.85 -17.45
CA ASP A 197 -10.29 -0.05 -18.13
C ASP A 197 -8.95 -0.08 -17.41
N GLU A 198 -8.81 -0.87 -16.34
CA GLU A 198 -7.62 -0.90 -15.52
C GLU A 198 -6.77 -2.12 -15.87
N LYS A 199 -5.46 -1.90 -15.99
CA LYS A 199 -4.49 -2.96 -16.25
C LYS A 199 -3.83 -3.33 -14.93
N ILE A 200 -3.91 -4.61 -14.56
CA ILE A 200 -3.52 -5.08 -13.24
C ILE A 200 -2.28 -5.96 -13.38
N ILE A 201 -1.22 -5.58 -12.67
CA ILE A 201 0.01 -6.36 -12.61
C ILE A 201 0.32 -6.63 -11.14
N ALA A 202 0.63 -7.86 -10.81
CA ALA A 202 0.96 -8.21 -9.44
C ALA A 202 2.35 -7.68 -9.09
N PRO A 203 2.50 -6.81 -8.10
CA PRO A 203 3.83 -6.32 -7.74
C PRO A 203 4.67 -7.34 -6.97
N GLN A 204 4.06 -8.34 -6.38
CA GLN A 204 4.78 -9.31 -5.56
C GLN A 204 3.99 -10.60 -5.51
N ALA A 205 4.70 -11.73 -5.55
CA ALA A 205 4.07 -13.04 -5.42
C ALA A 205 3.59 -13.24 -3.98
N ASN A 206 2.40 -13.81 -3.84
CA ASN A 206 1.80 -13.97 -2.52
C ASN A 206 0.71 -15.04 -2.60
N ARG A 207 0.04 -15.26 -1.47
CA ARG A 207 -0.99 -16.27 -1.33
C ARG A 207 -2.26 -15.65 -0.77
N PHE A 208 -3.41 -16.05 -1.33
CA PHE A 208 -4.72 -15.70 -0.81
C PHE A 208 -5.34 -16.94 -0.20
N ILE A 209 -5.72 -16.84 1.08
CA ILE A 209 -6.14 -17.99 1.87
C ILE A 209 -7.60 -17.83 2.26
N VAL A 210 -8.37 -18.90 2.11
CA VAL A 210 -9.75 -18.96 2.56
C VAL A 210 -9.81 -19.98 3.69
N ALA A 211 -9.81 -19.49 4.93
CA ALA A 211 -9.74 -20.37 6.09
C ALA A 211 -10.52 -19.75 7.24
N SER A 212 -10.85 -20.57 8.23
CA SER A 212 -11.66 -20.15 9.36
C SER A 212 -11.03 -20.65 10.65
N ARG A 213 -11.04 -19.79 11.67
CA ARG A 213 -10.61 -20.20 12.99
C ARG A 213 -11.66 -21.14 13.60
N PRO A 214 -11.24 -22.21 14.27
CA PRO A 214 -12.19 -23.22 14.75
C PRO A 214 -13.17 -22.67 15.78
N GLU A 215 -14.45 -22.81 15.46
CA GLU A 215 -15.56 -22.59 16.40
C GLU A 215 -16.75 -23.37 15.86
N ASN A 216 -17.41 -24.13 16.74
CA ASN A 216 -18.53 -25.02 16.47
C ASN A 216 -18.14 -26.24 15.63
N LEU A 217 -16.91 -26.32 15.11
CA LEU A 217 -16.38 -27.52 14.48
C LEU A 217 -15.41 -28.23 15.41
N ALA A 218 -14.49 -27.48 16.01
CA ALA A 218 -13.61 -27.97 17.06
C ALA A 218 -13.06 -26.76 17.81
N ARG A 219 -12.28 -27.03 18.86
CA ARG A 219 -11.66 -25.98 19.66
C ARG A 219 -10.19 -26.31 19.90
N ILE A 220 -9.38 -25.27 20.11
CA ILE A 220 -7.96 -25.45 20.40
C ILE A 220 -7.83 -25.83 21.87
N GLU A 221 -7.90 -27.13 22.16
CA GLU A 221 -7.82 -27.61 23.53
C GLU A 221 -7.54 -29.10 23.51
N ILE A 222 -7.05 -29.59 24.65
CA ILE A 222 -6.97 -31.02 24.91
C ILE A 222 -8.24 -31.42 25.65
N LYS A 223 -8.97 -32.39 25.11
CA LYS A 223 -10.26 -32.75 25.66
C LYS A 223 -10.12 -33.24 27.10
N GLU A 224 -11.24 -33.17 27.83
CA GLU A 224 -11.22 -33.47 29.26
C GLU A 224 -10.89 -34.94 29.53
N ASP A 225 -11.17 -35.83 28.58
CA ASP A 225 -10.89 -37.24 28.80
C ASP A 225 -9.39 -37.54 28.73
N LEU A 226 -8.64 -36.73 27.99
CA LEU A 226 -7.20 -36.93 27.84
C LEU A 226 -6.37 -36.09 28.81
N LYS A 227 -6.98 -35.10 29.47
CA LYS A 227 -6.20 -34.19 30.30
C LYS A 227 -5.60 -34.89 31.51
N LYS A 228 -6.26 -35.94 32.02
CA LYS A 228 -5.72 -36.68 33.15
C LYS A 228 -4.52 -37.54 32.76
N TYR A 229 -4.31 -37.78 31.47
CA TYR A 229 -3.20 -38.60 31.00
C TYR A 229 -2.03 -37.78 30.48
N LEU A 230 -2.11 -36.45 30.52
CA LEU A 230 -0.97 -35.62 30.13
C LEU A 230 0.29 -35.90 30.95
N PRO A 231 0.24 -36.04 32.27
CA PRO A 231 1.47 -36.41 32.99
C PRO A 231 2.02 -37.76 32.56
N GLU A 232 1.16 -38.71 32.21
CA GLU A 232 1.65 -40.00 31.71
C GLU A 232 2.30 -39.85 30.34
N ILE A 233 1.81 -38.91 29.52
CA ILE A 233 2.45 -38.64 28.24
C ILE A 233 3.83 -38.01 28.46
N GLY A 234 3.93 -37.12 29.46
CA GLY A 234 5.21 -36.48 29.74
C GLY A 234 6.27 -37.43 30.27
N GLU A 235 5.87 -38.60 30.76
CA GLU A 235 6.86 -39.57 31.23
C GLU A 235 7.55 -40.27 30.07
N MET A 236 6.80 -40.68 29.04
CA MET A 236 7.33 -41.43 27.92
C MET A 236 7.90 -40.54 26.82
N VAL A 237 8.11 -39.26 27.10
CA VAL A 237 8.50 -38.29 26.08
C VAL A 237 9.62 -37.41 26.63
N ASP A 238 10.53 -37.00 25.75
CA ASP A 238 11.64 -36.13 26.12
C ASP A 238 11.29 -34.65 25.98
N CYS A 239 10.48 -34.26 25.00
CA CYS A 239 10.24 -32.85 24.74
C CYS A 239 8.90 -32.69 24.03
N ALA A 240 8.41 -31.45 24.04
CA ALA A 240 7.13 -31.15 23.40
C ALA A 240 7.25 -29.83 22.63
N ILE A 241 6.47 -29.73 21.55
CA ILE A 241 6.37 -28.52 20.75
C ILE A 241 4.89 -28.19 20.61
N LEU A 242 4.47 -27.05 21.17
CA LEU A 242 3.08 -26.66 21.20
C LEU A 242 2.86 -25.46 20.28
N SER A 243 1.74 -25.47 19.55
CA SER A 243 1.47 -24.43 18.57
C SER A 243 -0.02 -24.38 18.28
N GLY A 244 -0.44 -23.34 17.57
CA GLY A 244 -1.82 -23.15 17.19
C GLY A 244 -2.58 -22.11 17.98
N TYR A 245 -1.92 -21.37 18.87
CA TYR A 245 -2.62 -20.41 19.72
C TYR A 245 -3.22 -19.25 18.93
N GLN A 246 -2.80 -19.05 17.68
CA GLN A 246 -3.35 -17.95 16.87
C GLN A 246 -4.77 -18.23 16.40
N GLY A 247 -5.28 -19.45 16.58
CA GLY A 247 -6.64 -19.79 16.23
C GLY A 247 -7.66 -19.55 17.32
N ILE A 248 -7.23 -19.11 18.50
CA ILE A 248 -8.14 -18.84 19.59
C ILE A 248 -8.81 -17.49 19.38
N LYS A 249 -10.13 -17.45 19.60
CA LYS A 249 -10.91 -16.25 19.40
C LYS A 249 -11.08 -15.48 20.70
N GLU A 250 -11.36 -14.18 20.56
CA GLU A 250 -11.63 -13.34 21.73
C GLU A 250 -12.89 -13.79 22.45
N LYS A 251 -13.98 -13.98 21.68
CA LYS A 251 -15.25 -14.40 22.24
C LYS A 251 -15.83 -15.49 21.35
N TYR A 252 -16.68 -16.32 21.95
CA TYR A 252 -17.36 -17.39 21.24
C TYR A 252 -18.87 -17.26 21.44
N SER A 253 -19.62 -17.80 20.49
CA SER A 253 -21.08 -17.67 20.51
C SER A 253 -21.69 -18.41 21.69
N ASP A 254 -21.07 -19.51 22.14
CA ASP A 254 -21.58 -20.24 23.29
C ASP A 254 -21.32 -19.53 24.62
N GLY A 255 -20.56 -18.45 24.61
CA GLY A 255 -20.28 -17.69 25.82
C GLY A 255 -18.86 -17.81 26.35
N LYS A 256 -18.02 -18.63 25.74
CA LYS A 256 -16.65 -18.80 26.18
C LYS A 256 -15.75 -17.74 25.56
N THR A 257 -14.61 -17.51 26.21
CA THR A 257 -13.70 -16.43 25.84
C THR A 257 -12.30 -17.00 25.62
N ALA A 258 -11.38 -16.11 25.21
CA ALA A 258 -10.00 -16.52 25.01
C ALA A 258 -9.35 -16.93 26.34
N GLU A 259 -9.71 -16.25 27.43
CA GLU A 259 -9.15 -16.59 28.73
C GLU A 259 -9.49 -18.02 29.13
N TYR A 260 -10.68 -18.51 28.76
CA TYR A 260 -11.06 -19.87 29.09
C TYR A 260 -10.10 -20.87 28.47
N TYR A 261 -9.71 -20.66 27.21
CA TYR A 261 -8.86 -21.62 26.52
C TYR A 261 -7.38 -21.39 26.81
N PHE A 262 -6.98 -20.15 27.08
CA PHE A 262 -5.58 -19.89 27.43
C PHE A 262 -5.26 -20.39 28.83
N LYS A 263 -6.24 -20.38 29.74
CA LYS A 263 -6.04 -20.97 31.06
C LYS A 263 -5.82 -22.48 30.94
N ARG A 264 -6.67 -23.16 30.15
CA ARG A 264 -6.52 -24.60 29.97
C ARG A 264 -5.22 -24.95 29.26
N ALA A 265 -4.78 -24.11 28.31
CA ALA A 265 -3.48 -24.32 27.69
C ALA A 265 -2.36 -24.20 28.72
N LYS A 266 -2.50 -23.28 29.68
CA LYS A 266 -1.56 -23.18 30.78
C LYS A 266 -1.60 -24.43 31.66
N GLU A 267 -2.78 -25.04 31.81
CA GLU A 267 -2.88 -26.28 32.57
C GLU A 267 -2.16 -27.42 31.87
N ASP A 268 -2.26 -27.50 30.54
CA ASP A 268 -1.67 -28.60 29.80
C ASP A 268 -0.15 -28.62 29.96
N ILE A 269 0.48 -27.44 29.94
CA ILE A 269 1.92 -27.36 30.11
C ILE A 269 2.31 -27.79 31.52
N LYS A 270 1.55 -27.35 32.53
CA LYS A 270 1.86 -27.71 33.91
C LYS A 270 1.72 -29.21 34.13
N LEU A 271 0.68 -29.82 33.57
CA LEU A 271 0.51 -31.27 33.70
C LEU A 271 1.63 -32.02 32.99
N LEU A 272 2.00 -31.55 31.80
CA LEU A 272 3.10 -32.19 31.07
C LEU A 272 4.42 -32.07 31.83
N LYS A 273 4.61 -30.95 32.53
CA LYS A 273 5.87 -30.66 33.19
C LYS A 273 5.96 -31.21 34.61
N LYS A 274 4.95 -31.96 35.07
CA LYS A 274 5.12 -32.70 36.31
C LYS A 274 6.21 -33.75 36.18
N LYS A 275 6.42 -34.26 34.97
CA LYS A 275 7.59 -35.04 34.62
C LYS A 275 8.61 -34.14 33.92
N ASP A 276 9.85 -34.61 33.85
CA ASP A 276 10.95 -33.80 33.34
C ASP A 276 10.95 -33.84 31.82
N ILE A 277 10.43 -32.78 31.19
CA ILE A 277 10.50 -32.58 29.75
C ILE A 277 10.85 -31.12 29.47
N LYS A 278 11.21 -30.86 28.23
CA LYS A 278 11.45 -29.51 27.72
C LYS A 278 10.33 -29.15 26.76
N VAL A 279 9.73 -27.97 26.95
CA VAL A 279 8.66 -27.49 26.09
C VAL A 279 9.18 -26.33 25.26
N HIS A 280 8.87 -26.35 23.96
CA HIS A 280 9.34 -25.35 23.01
C HIS A 280 8.15 -24.64 22.37
N LEU A 281 8.29 -23.35 22.13
CA LEU A 281 7.27 -22.54 21.49
C LEU A 281 7.90 -21.78 20.34
N GLU A 282 7.26 -21.84 19.17
CA GLU A 282 7.65 -21.01 18.03
C GLU A 282 6.67 -19.85 17.94
N PHE A 283 7.20 -18.63 18.03
CA PHE A 283 6.36 -17.44 18.10
C PHE A 283 5.81 -17.13 16.71
N ALA A 284 4.54 -17.45 16.50
CA ALA A 284 3.90 -17.20 15.22
C ALA A 284 3.48 -15.73 15.10
N SER A 285 3.36 -15.27 13.86
CA SER A 285 2.95 -13.89 13.58
C SER A 285 1.44 -13.79 13.75
N ILE A 286 1.00 -13.28 14.89
CA ILE A 286 -0.41 -13.13 15.20
C ILE A 286 -0.79 -11.67 14.97
N GLN A 287 -1.76 -11.45 14.07
CA GLN A 287 -2.20 -10.09 13.78
C GLN A 287 -2.95 -9.49 14.95
N ASN A 288 -3.79 -10.28 15.62
CA ASN A 288 -4.58 -9.79 16.74
C ASN A 288 -3.66 -9.49 17.93
N ILE A 289 -3.55 -8.22 18.30
CA ILE A 289 -2.68 -7.83 19.40
C ILE A 289 -3.19 -8.36 20.74
N LYS A 290 -4.48 -8.64 20.84
CA LYS A 290 -5.03 -9.13 22.11
C LYS A 290 -4.74 -10.60 22.32
N ILE A 291 -4.81 -11.42 21.27
CA ILE A 291 -4.43 -12.82 21.39
C ILE A 291 -2.92 -12.95 21.53
N ARG A 292 -2.16 -12.07 20.87
CA ARG A 292 -0.71 -12.09 21.01
C ARG A 292 -0.28 -11.82 22.45
N LYS A 293 -0.97 -10.91 23.12
CA LYS A 293 -0.65 -10.62 24.52
C LYS A 293 -1.00 -11.80 25.42
N LYS A 294 -1.97 -12.62 25.02
CA LYS A 294 -2.31 -13.80 25.81
C LYS A 294 -1.19 -14.83 25.78
N VAL A 295 -0.58 -15.03 24.61
CA VAL A 295 0.53 -15.97 24.50
C VAL A 295 1.72 -15.48 25.32
N VAL A 296 1.91 -14.17 25.41
CA VAL A 296 2.99 -13.62 26.22
C VAL A 296 2.71 -13.79 27.70
N ASP A 297 1.43 -13.77 28.10
CA ASP A 297 1.07 -13.84 29.50
C ASP A 297 0.89 -15.28 30.00
N TYR A 298 0.39 -16.17 29.16
CA TYR A 298 0.00 -17.52 29.60
C TYR A 298 0.97 -18.62 29.17
N ILE A 299 1.54 -18.54 27.98
CA ILE A 299 2.38 -19.62 27.44
C ILE A 299 3.86 -19.32 27.63
N LEU A 300 4.30 -18.13 27.20
CA LEU A 300 5.73 -17.81 27.24
C LEU A 300 6.37 -17.93 28.62
N PRO A 301 5.75 -17.49 29.72
CA PRO A 301 6.42 -17.63 31.02
C PRO A 301 6.56 -19.07 31.51
N ASN A 302 5.96 -20.05 30.83
CA ASN A 302 5.90 -21.41 31.34
C ASN A 302 6.60 -22.44 30.47
N VAL A 303 7.23 -22.03 29.37
CA VAL A 303 7.93 -22.95 28.50
C VAL A 303 9.43 -22.82 28.75
N ASP A 304 10.21 -23.69 28.11
CA ASP A 304 11.65 -23.74 28.31
C ASP A 304 12.46 -23.20 27.14
N SER A 305 11.88 -23.15 25.94
CA SER A 305 12.58 -22.68 24.76
C SER A 305 11.62 -21.92 23.87
N VAL A 306 12.16 -20.96 23.12
CA VAL A 306 11.34 -20.14 22.23
C VAL A 306 12.17 -19.75 21.02
N GLY A 307 11.54 -19.81 19.84
CA GLY A 307 12.19 -19.38 18.62
C GLY A 307 11.33 -18.36 17.90
N MET A 308 12.01 -17.42 17.24
CA MET A 308 11.33 -16.30 16.61
C MET A 308 12.29 -15.63 15.61
N ASP A 309 11.76 -14.64 14.90
CA ASP A 309 12.57 -13.82 14.00
C ASP A 309 12.77 -12.43 14.64
N GLU A 310 13.39 -11.53 13.88
CA GLU A 310 13.61 -10.18 14.40
C GLU A 310 12.31 -9.40 14.54
N THR A 311 11.33 -9.66 13.67
CA THR A 311 10.08 -8.92 13.75
C THR A 311 9.30 -9.29 15.01
N GLU A 312 9.25 -10.58 15.36
CA GLU A 312 8.45 -10.99 16.51
C GLU A 312 9.12 -10.62 17.83
N ILE A 313 10.45 -10.65 17.90
CA ILE A 313 11.11 -10.29 19.14
C ILE A 313 10.91 -8.81 19.46
N ALA A 314 10.78 -7.97 18.43
CA ALA A 314 10.42 -6.58 18.66
C ALA A 314 8.98 -6.44 19.13
N ASN A 315 8.09 -7.30 18.64
CA ASN A 315 6.70 -7.28 19.12
C ASN A 315 6.63 -7.69 20.58
N ILE A 316 7.43 -8.67 20.99
CA ILE A 316 7.42 -9.11 22.39
C ILE A 316 7.98 -8.00 23.28
N LEU A 317 9.14 -7.46 22.93
CA LEU A 317 9.73 -6.37 23.70
C LEU A 317 8.79 -5.17 23.78
N ASN A 318 7.97 -4.96 22.76
CA ASN A 318 7.00 -3.87 22.79
C ASN A 318 5.92 -4.13 23.82
N ILE A 319 5.46 -5.39 23.93
CA ILE A 319 4.45 -5.74 24.93
C ILE A 319 5.04 -5.63 26.34
N LEU A 320 6.32 -5.95 26.49
CA LEU A 320 6.97 -5.87 27.79
C LEU A 320 7.35 -4.45 28.18
N GLY A 321 7.20 -3.48 27.29
CA GLY A 321 7.45 -2.09 27.61
C GLY A 321 8.76 -1.52 27.07
N TYR A 322 9.53 -2.30 26.32
CA TYR A 322 10.79 -1.83 25.77
C TYR A 322 10.58 -1.25 24.36
N GLU A 323 9.79 -0.17 24.32
CA GLU A 323 9.42 0.43 23.04
C GLU A 323 10.63 1.02 22.34
N GLU A 324 11.56 1.61 23.10
CA GLU A 324 12.75 2.20 22.50
C GLU A 324 13.62 1.14 21.83
N LEU A 325 13.76 -0.02 22.47
CA LEU A 325 14.55 -1.10 21.87
C LEU A 325 13.81 -1.77 20.74
N SER A 326 12.47 -1.84 20.83
CA SER A 326 11.68 -2.43 19.75
C SER A 326 11.82 -1.63 18.46
N GLU A 327 11.87 -0.30 18.56
CA GLU A 327 11.97 0.53 17.37
C GLU A 327 13.36 0.45 16.75
N LYS A 328 14.41 0.31 17.57
CA LYS A 328 15.75 0.17 17.02
C LYS A 328 15.89 -1.13 16.23
N ILE A 329 15.28 -2.21 16.72
CA ILE A 329 15.39 -3.50 16.05
C ILE A 329 14.66 -3.46 14.70
N LEU A 330 13.46 -2.88 14.67
CA LEU A 330 12.69 -2.86 13.44
C LEU A 330 13.26 -1.91 12.40
N LYS A 331 13.96 -0.87 12.83
CA LYS A 331 14.44 0.16 11.91
C LYS A 331 15.86 -0.12 11.41
N ASP A 332 16.76 -0.56 12.29
CA ASP A 332 18.17 -0.74 11.96
C ASP A 332 18.58 -2.21 11.84
N SER A 333 18.05 -3.07 12.72
CA SER A 333 18.30 -4.52 12.67
C SER A 333 19.77 -4.85 12.92
N LYS A 334 20.38 -4.16 13.89
CA LYS A 334 21.75 -4.44 14.27
C LYS A 334 21.78 -5.62 15.24
N ILE A 335 22.80 -6.47 15.09
CA ILE A 335 22.88 -7.70 15.88
C ILE A 335 23.07 -7.38 17.36
N GLU A 336 23.75 -6.28 17.68
CA GLU A 336 23.98 -5.94 19.09
C GLU A 336 22.67 -5.63 19.81
N ASP A 337 21.68 -5.09 19.11
CA ASP A 337 20.40 -4.79 19.73
C ASP A 337 19.53 -6.04 19.85
N VAL A 338 19.60 -6.94 18.86
CA VAL A 338 18.84 -8.18 18.93
C VAL A 338 19.35 -9.05 20.07
N ILE A 339 20.68 -9.06 20.28
CA ILE A 339 21.25 -9.83 21.37
C ILE A 339 20.75 -9.29 22.71
N GLU A 340 20.68 -7.97 22.85
CA GLU A 340 20.22 -7.38 24.11
C GLU A 340 18.74 -7.65 24.36
N GLY A 341 17.95 -7.78 23.29
CA GLY A 341 16.55 -8.12 23.46
C GLY A 341 16.33 -9.58 23.82
N ALA A 342 17.18 -10.48 23.31
CA ALA A 342 17.05 -11.88 23.66
C ALA A 342 17.49 -12.15 25.09
N LYS A 343 18.44 -11.36 25.60
CA LYS A 343 18.86 -11.52 26.99
C LYS A 343 17.80 -11.03 27.96
N ILE A 344 16.96 -10.07 27.54
CA ILE A 344 15.84 -9.65 28.37
C ILE A 344 14.79 -10.75 28.43
N LEU A 345 14.51 -11.40 27.29
CA LEU A 345 13.54 -12.49 27.27
C LEU A 345 14.02 -13.67 28.11
N LEU A 346 15.32 -13.96 28.03
CA LEU A 346 15.87 -15.12 28.72
C LEU A 346 15.73 -14.98 30.24
N ASP A 347 16.06 -13.80 30.77
CA ASP A 347 16.10 -13.63 32.22
C ASP A 347 14.73 -13.45 32.84
N LYS A 348 13.70 -13.10 32.06
CA LYS A 348 12.42 -12.73 32.63
C LYS A 348 11.42 -13.86 32.74
N PHE A 349 11.47 -14.84 31.82
CA PHE A 349 10.39 -15.81 31.66
C PHE A 349 10.81 -17.24 31.98
N ASN A 350 11.82 -17.41 32.83
CA ASN A 350 12.28 -18.74 33.25
C ASN A 350 12.64 -19.62 32.06
N LEU A 351 13.17 -19.03 31.00
CA LEU A 351 13.55 -19.79 29.83
C LEU A 351 14.95 -20.38 29.98
N GLU A 352 15.20 -21.43 29.22
CA GLU A 352 16.55 -21.98 29.13
C GLU A 352 17.31 -21.42 27.94
N VAL A 353 16.65 -21.33 26.78
CA VAL A 353 17.29 -20.89 25.55
C VAL A 353 16.35 -19.96 24.79
N VAL A 354 16.92 -18.94 24.15
CA VAL A 354 16.22 -18.07 23.22
C VAL A 354 16.90 -18.20 21.86
N GLN A 355 16.11 -18.38 20.81
CA GLN A 355 16.62 -18.54 19.45
C GLN A 355 16.00 -17.49 18.54
N VAL A 356 16.85 -16.73 17.86
CA VAL A 356 16.43 -15.71 16.90
C VAL A 356 17.04 -16.05 15.54
N HIS A 357 16.22 -16.07 14.51
CA HIS A 357 16.67 -16.44 13.17
C HIS A 357 16.24 -15.41 12.14
N THR A 358 17.13 -15.11 11.19
CA THR A 358 16.83 -14.26 10.05
C THR A 358 17.33 -14.93 8.78
N ILE A 359 17.28 -14.23 7.65
CA ILE A 359 17.79 -14.80 6.40
C ILE A 359 19.31 -14.84 6.39
N TYR A 360 19.97 -14.09 7.27
CA TYR A 360 21.43 -14.03 7.27
C TYR A 360 22.06 -14.90 8.36
N TYR A 361 21.40 -15.06 9.50
CA TYR A 361 22.00 -15.74 10.64
C TYR A 361 20.92 -16.41 11.46
N ILE A 362 21.36 -17.18 12.46
CA ILE A 362 20.47 -17.67 13.51
C ILE A 362 21.20 -17.53 14.84
N LEU A 363 20.60 -16.79 15.77
CA LEU A 363 21.21 -16.50 17.06
C LEU A 363 20.69 -17.45 18.12
N PHE A 364 21.57 -17.79 19.06
CA PHE A 364 21.29 -18.76 20.13
C PHE A 364 21.85 -18.20 21.43
N ILE A 365 21.03 -18.17 22.47
CA ILE A 365 21.44 -17.59 23.75
C ILE A 365 20.94 -18.48 24.88
N SER A 366 21.84 -18.83 25.79
CA SER A 366 21.50 -19.57 26.99
C SER A 366 22.23 -18.93 28.17
N LYS A 367 21.88 -19.39 29.37
CA LYS A 367 22.54 -18.90 30.57
C LYS A 367 23.93 -19.52 30.70
N LYS A 368 24.73 -18.98 31.62
CA LYS A 368 26.11 -19.44 31.79
C LYS A 368 26.14 -20.88 32.32
N ASP A 369 25.13 -21.29 33.08
CA ASP A 369 25.11 -22.61 33.69
C ASP A 369 24.51 -23.68 32.79
N ASN A 370 24.38 -23.40 31.49
CA ASN A 370 23.78 -24.37 30.58
C ASN A 370 24.71 -25.58 30.44
N PRO A 371 24.19 -26.80 30.52
CA PRO A 371 25.07 -27.98 30.44
C PRO A 371 25.80 -28.11 29.11
N LEU A 372 25.31 -27.49 28.04
CA LEU A 372 25.97 -27.60 26.74
C LEU A 372 27.11 -26.60 26.63
N SER A 373 28.14 -27.01 25.89
CA SER A 373 29.29 -26.15 25.66
C SER A 373 29.01 -25.20 24.51
N LYS A 374 29.95 -24.27 24.29
CA LYS A 374 29.82 -23.32 23.19
C LYS A 374 29.89 -24.03 21.84
N GLU A 375 30.78 -25.01 21.70
CA GLU A 375 30.88 -25.75 20.45
C GLU A 375 29.67 -26.66 20.23
N GLU A 376 29.07 -27.15 21.32
CA GLU A 376 27.87 -27.97 21.18
C GLU A 376 26.69 -27.15 20.69
N LEU A 377 26.53 -25.93 21.21
CA LEU A 377 25.46 -25.06 20.73
C LEU A 377 25.63 -24.73 19.24
N LYS A 378 26.87 -24.69 18.77
CA LYS A 378 27.10 -24.45 17.35
C LYS A 378 26.67 -25.65 16.51
N LYS A 379 26.97 -26.86 16.98
CA LYS A 379 26.54 -28.07 16.26
C LYS A 379 25.02 -28.18 16.24
N THR A 380 24.36 -27.75 17.32
CA THR A 380 22.91 -27.66 17.31
C THR A 380 22.42 -26.75 16.20
N LEU A 381 23.05 -25.58 16.04
CA LEU A 381 22.63 -24.63 15.03
C LEU A 381 23.07 -25.03 13.63
N GLU A 382 24.18 -25.77 13.50
CA GLU A 382 24.60 -26.24 12.18
C GLU A 382 23.60 -27.23 11.59
N PHE A 383 22.95 -28.02 12.44
CA PHE A 383 21.91 -28.92 11.93
C PHE A 383 20.68 -28.13 11.47
N ALA A 384 20.34 -27.06 12.19
CA ALA A 384 19.17 -26.28 11.82
C ALA A 384 19.35 -25.60 10.47
N THR A 385 20.57 -25.18 10.13
CA THR A 385 20.79 -24.52 8.85
C THR A 385 20.80 -25.51 7.69
N ILE A 386 21.17 -26.77 7.94
CA ILE A 386 21.16 -27.77 6.88
C ILE A 386 19.73 -28.21 6.57
N LEU A 387 18.95 -28.48 7.62
CA LEU A 387 17.55 -28.87 7.43
C LEU A 387 16.76 -27.77 6.74
N ALA A 388 17.04 -26.51 7.08
CA ALA A 388 16.34 -25.39 6.46
C ALA A 388 16.73 -25.24 5.00
N ALA A 389 18.02 -25.33 4.69
CA ALA A 389 18.48 -25.19 3.31
C ALA A 389 17.90 -26.29 2.42
N THR A 390 17.78 -27.50 2.96
CA THR A 390 17.18 -28.60 2.20
C THR A 390 15.75 -28.25 1.82
N LYS A 391 14.93 -27.83 2.80
CA LYS A 391 13.53 -27.58 2.51
C LYS A 391 13.35 -26.39 1.57
N ALA A 392 14.20 -25.36 1.70
CA ALA A 392 14.06 -24.18 0.86
C ALA A 392 14.41 -24.50 -0.59
N LYS A 393 15.52 -25.21 -0.81
CA LYS A 393 15.94 -25.53 -2.17
C LYS A 393 15.12 -26.67 -2.77
N LEU A 394 14.87 -27.74 -2.00
CA LEU A 394 14.07 -28.85 -2.52
C LEU A 394 12.59 -28.52 -2.60
N GLY A 395 12.12 -27.59 -1.77
CA GLY A 395 10.70 -27.31 -1.67
C GLY A 395 9.96 -28.20 -0.70
N ASP A 396 10.49 -29.38 -0.39
CA ASP A 396 9.87 -30.32 0.55
C ASP A 396 10.92 -31.35 0.93
N ILE A 397 10.68 -32.02 2.05
CA ILE A 397 11.57 -33.05 2.57
C ILE A 397 10.81 -34.37 2.62
N LYS A 398 11.28 -35.36 1.87
CA LYS A 398 10.64 -36.66 1.82
C LYS A 398 11.55 -37.80 2.25
N ASN A 399 12.85 -37.58 2.35
CA ASN A 399 13.79 -38.63 2.73
C ASN A 399 14.94 -38.02 3.51
N ILE A 400 15.55 -38.82 4.38
CA ILE A 400 16.67 -38.33 5.17
C ILE A 400 17.88 -38.05 4.28
N GLU A 401 18.04 -38.81 3.20
CA GLU A 401 19.18 -38.63 2.31
C GLU A 401 19.15 -37.25 1.64
N ASP A 402 18.01 -36.56 1.65
CA ASP A 402 17.90 -35.25 1.03
C ASP A 402 18.71 -34.19 1.77
N LEU A 403 19.11 -34.44 3.02
CA LEU A 403 19.90 -33.46 3.77
C LEU A 403 21.23 -33.15 3.10
N LYS A 404 21.73 -34.06 2.25
CA LYS A 404 22.97 -33.80 1.53
C LYS A 404 22.84 -32.64 0.55
N VAL A 405 21.62 -32.33 0.09
CA VAL A 405 21.45 -31.21 -0.83
C VAL A 405 21.55 -29.89 -0.06
N GLY A 406 20.98 -29.84 1.14
CA GLY A 406 21.16 -28.66 1.97
C GLY A 406 22.60 -28.45 2.41
N LEU A 407 23.36 -29.54 2.53
CA LEU A 407 24.77 -29.43 2.87
C LEU A 407 25.56 -28.73 1.77
N LYS A 408 25.10 -28.85 0.52
CA LYS A 408 25.79 -28.23 -0.61
C LYS A 408 25.59 -26.72 -0.66
N VAL A 409 24.64 -26.18 0.09
CA VAL A 409 24.39 -24.74 0.10
C VAL A 409 25.41 -24.07 0.99
N PRO A 410 26.24 -23.16 0.46
CA PRO A 410 27.28 -22.54 1.28
C PRO A 410 26.71 -21.55 2.28
N HIS A 411 27.53 -21.19 3.25
CA HIS A 411 27.12 -20.24 4.28
C HIS A 411 27.01 -18.83 3.72
N ASN A 412 26.15 -18.04 4.34
CA ASN A 412 25.98 -16.65 3.96
C ASN A 412 27.26 -15.87 4.26
N LYS A 413 27.71 -15.07 3.28
CA LYS A 413 28.97 -14.34 3.46
C LYS A 413 28.82 -13.23 4.49
N TYR A 414 27.68 -12.53 4.48
CA TYR A 414 27.47 -11.45 5.43
C TYR A 414 27.33 -11.98 6.86
N GLY A 415 26.74 -13.16 7.03
CA GLY A 415 26.65 -13.74 8.36
C GLY A 415 28.00 -14.06 8.96
N GLU A 416 28.99 -14.38 8.12
CA GLU A 416 30.34 -14.57 8.61
C GLU A 416 30.91 -13.28 9.19
N LEU A 417 30.52 -12.13 8.62
CA LEU A 417 30.92 -10.85 9.18
C LEU A 417 30.23 -10.61 10.52
N LEU A 418 28.96 -10.99 10.63
CA LEU A 418 28.26 -10.86 11.91
C LEU A 418 28.88 -11.76 12.98
N LYS A 419 29.36 -12.93 12.57
CA LYS A 419 29.98 -13.85 13.52
C LYS A 419 31.22 -13.23 14.15
N GLU A 420 32.02 -12.53 13.35
CA GLU A 420 33.22 -11.88 13.89
C GLU A 420 32.83 -10.76 14.86
N ILE A 421 31.72 -10.07 14.58
CA ILE A 421 31.28 -8.99 15.45
C ILE A 421 30.87 -9.52 16.82
N VAL A 422 30.16 -10.66 16.84
CA VAL A 422 29.76 -11.24 18.11
C VAL A 422 30.97 -11.70 18.91
N GLU A 423 31.98 -12.23 18.22
CA GLU A 423 33.21 -12.64 18.91
C GLU A 423 33.92 -11.44 19.52
N LYS A 424 33.89 -10.29 18.82
CA LYS A 424 34.53 -9.09 19.35
C LYS A 424 33.68 -8.43 20.43
N LEU A 425 32.35 -8.56 20.36
CA LEU A 425 31.49 -8.00 21.38
C LEU A 425 31.81 -8.53 22.77
N LYS A 426 32.32 -9.76 22.86
CA LYS A 426 32.66 -10.38 24.13
C LYS A 426 34.04 -9.91 24.61
N LYS A 427 34.16 -8.60 24.80
CA LYS A 427 35.38 -8.01 25.33
C LYS A 427 35.34 -7.87 26.84
N LYS A 428 34.19 -8.09 27.47
CA LYS A 428 34.07 -8.01 28.92
C LYS A 428 32.83 -8.76 29.39
N GLU A 432 30.70 -12.26 31.05
CA GLU A 432 29.25 -12.21 31.21
C GLU A 432 28.70 -13.54 31.69
N ASP A 433 27.41 -13.57 31.99
CA ASP A 433 26.74 -14.79 32.45
C ASP A 433 25.89 -15.43 31.35
N TYR A 434 26.29 -15.26 30.09
CA TYR A 434 25.53 -15.76 28.96
C TYR A 434 26.43 -16.53 28.02
N LYS A 435 25.88 -17.59 27.42
CA LYS A 435 26.53 -18.30 26.32
C LYS A 435 25.86 -17.83 25.03
N ILE A 436 26.61 -17.09 24.22
CA ILE A 436 26.09 -16.49 22.98
C ILE A 436 26.81 -17.15 21.81
N VAL A 437 26.03 -17.70 20.89
CA VAL A 437 26.57 -18.38 19.71
C VAL A 437 25.83 -17.87 18.48
N LEU A 438 26.60 -17.49 17.45
CA LEU A 438 26.09 -17.01 16.18
C LEU A 438 26.67 -17.86 15.06
N ILE A 439 25.82 -18.24 14.11
CA ILE A 439 26.26 -19.02 12.96
C ILE A 439 25.57 -18.49 11.71
N PRO A 440 26.28 -18.34 10.60
CA PRO A 440 25.63 -17.87 9.37
C PRO A 440 24.67 -18.90 8.81
N SER A 441 23.66 -18.41 8.10
CA SER A 441 22.64 -19.27 7.52
C SER A 441 23.03 -19.69 6.10
N ARG A 442 22.57 -20.88 5.70
CA ARG A 442 22.79 -21.38 4.35
C ARG A 442 21.65 -20.85 3.48
N PHE A 443 21.90 -19.73 2.83
CA PHE A 443 20.86 -19.03 2.08
C PHE A 443 20.75 -19.59 0.66
N VAL A 444 19.51 -19.82 0.23
CA VAL A 444 19.22 -20.29 -1.12
C VAL A 444 18.73 -19.11 -1.95
N GLU A 445 19.41 -18.85 -3.07
CA GLU A 445 19.08 -17.67 -3.86
C GLU A 445 17.72 -17.79 -4.54
N ASN A 446 17.40 -18.98 -5.07
CA ASN A 446 16.15 -19.24 -5.75
C ASN A 446 15.42 -20.37 -5.02
N PRO A 447 14.78 -20.07 -3.89
CA PRO A 447 14.08 -21.12 -3.15
C PRO A 447 12.81 -21.55 -3.87
N LYS A 448 12.49 -22.83 -3.78
CA LYS A 448 11.27 -23.34 -4.39
C LYS A 448 10.04 -22.87 -3.61
N SER A 449 10.16 -22.77 -2.29
CA SER A 449 9.06 -22.31 -1.45
C SER A 449 9.63 -21.62 -0.23
N THR A 450 8.77 -20.84 0.45
CA THR A 450 9.17 -20.12 1.64
C THR A 450 8.17 -20.24 2.79
N VAL A 451 7.10 -20.99 2.62
CA VAL A 451 6.09 -21.14 3.66
C VAL A 451 6.58 -22.12 4.71
N GLY A 452 6.33 -21.79 5.98
CA GLY A 452 6.70 -22.67 7.06
C GLY A 452 8.18 -22.89 7.23
N LEU A 453 9.01 -22.02 6.68
CA LEU A 453 10.46 -22.18 6.82
C LEU A 453 10.92 -21.85 8.23
N GLY A 454 10.25 -20.92 8.89
CA GLY A 454 10.63 -20.58 10.27
C GLY A 454 10.39 -21.73 11.23
N ASP A 455 9.28 -22.46 11.04
CA ASP A 455 9.02 -23.64 11.88
C ASP A 455 10.08 -24.72 11.64
N THR A 456 10.62 -24.79 10.43
CA THR A 456 11.61 -25.83 10.12
C THR A 456 12.94 -25.55 10.82
N ILE A 457 13.40 -24.30 10.75
CA ILE A 457 14.66 -23.95 11.41
C ILE A 457 14.53 -24.11 12.92
N SER A 458 13.42 -23.64 13.48
CA SER A 458 13.25 -23.67 14.93
C SER A 458 13.13 -25.08 15.46
N THR A 459 12.43 -25.96 14.72
CA THR A 459 12.31 -27.34 15.16
C THR A 459 13.66 -28.06 15.13
N GLY A 460 14.44 -27.83 14.07
CA GLY A 460 15.75 -28.47 13.99
C GLY A 460 16.67 -28.07 15.12
N ALA A 461 16.65 -26.79 15.50
CA ALA A 461 17.52 -26.32 16.58
C ALA A 461 17.08 -26.90 17.91
N PHE A 462 15.77 -26.86 18.21
CA PHE A 462 15.28 -27.37 19.48
C PHE A 462 15.47 -28.88 19.59
N VAL A 463 15.14 -29.61 18.52
CA VAL A 463 15.29 -31.07 18.54
C VAL A 463 16.76 -31.46 18.71
N SER A 464 17.65 -30.78 17.99
CA SER A 464 19.08 -31.05 18.16
C SER A 464 19.58 -30.64 19.53
N TYR A 465 19.01 -29.57 20.10
CA TYR A 465 19.39 -29.12 21.43
C TYR A 465 19.01 -30.15 22.49
N VAL A 466 17.82 -30.74 22.38
CA VAL A 466 17.40 -31.76 23.33
C VAL A 466 18.26 -33.01 23.20
N SER A 467 18.75 -33.30 21.99
CA SER A 467 19.61 -34.46 21.79
C SER A 467 20.89 -34.35 22.61
N LEU A 468 21.58 -33.22 22.49
CA LEU A 468 22.86 -33.06 23.17
C LEU A 468 22.70 -33.01 24.69
N LEU A 469 21.58 -32.49 25.18
CA LEU A 469 21.32 -32.53 26.61
C LEU A 469 21.12 -33.96 27.10
N LYS A 470 20.54 -34.82 26.26
CA LYS A 470 20.26 -36.18 26.67
C LYS A 470 21.54 -37.00 26.84
N LYS A 471 22.60 -36.66 26.09
CA LYS A 471 23.86 -37.36 26.23
C LYS A 471 24.50 -37.08 27.59
N LYS A 472 24.37 -35.86 28.09
CA LYS A 472 24.96 -35.48 29.37
C LYS A 472 24.30 -36.24 30.52
N GLN B 19 14.13 43.31 -14.06
CA GLN B 19 13.11 44.07 -14.78
C GLN B 19 11.94 43.18 -15.18
N GLY B 20 11.11 43.68 -16.10
CA GLY B 20 9.93 42.98 -16.58
C GLY B 20 10.11 41.51 -16.92
N HIS B 21 10.76 41.22 -18.04
CA HIS B 21 11.28 42.25 -18.94
C HIS B 21 10.36 42.39 -20.15
N MET B 22 9.50 43.41 -20.11
CA MET B 22 8.52 43.66 -21.16
C MET B 22 7.61 42.46 -21.37
N GLU B 23 6.99 42.00 -20.27
CA GLU B 23 5.97 40.97 -20.32
C GLU B 23 4.92 41.38 -21.36
N ASP B 24 3.94 42.18 -20.94
N ASP B 24 4.01 42.30 -20.99
CA ASP B 24 3.09 42.92 -21.86
CA ASP B 24 3.06 42.95 -21.92
C ASP B 24 2.53 42.10 -23.05
C ASP B 24 2.53 42.09 -23.07
N ILE B 25 1.65 41.09 -22.89
CA ILE B 25 0.92 40.57 -21.68
C ILE B 25 -0.24 41.42 -21.14
N LYS B 26 -0.08 42.72 -20.93
CA LYS B 26 -1.27 43.52 -20.62
C LYS B 26 -2.25 43.57 -21.79
N LYS B 27 -1.87 43.02 -22.95
CA LYS B 27 -2.69 43.05 -24.16
C LYS B 27 -3.67 41.90 -24.28
N ILE B 28 -3.45 40.79 -23.58
CA ILE B 28 -4.20 39.56 -23.79
C ILE B 28 -5.52 39.60 -23.02
N SER B 29 -6.56 39.01 -23.61
CA SER B 29 -7.79 38.65 -22.93
C SER B 29 -7.91 37.14 -22.85
N ILE B 30 -8.56 36.65 -21.79
CA ILE B 30 -8.63 35.22 -21.53
C ILE B 30 -9.98 34.86 -20.94
N PHE B 31 -10.41 33.61 -21.16
CA PHE B 31 -11.63 33.05 -20.61
C PHE B 31 -11.30 31.74 -19.91
N LEU B 32 -11.91 31.50 -18.75
CA LEU B 32 -11.57 30.35 -17.92
C LEU B 32 -12.82 29.66 -17.39
N ALA B 33 -12.75 28.33 -17.30
CA ALA B 33 -13.85 27.49 -16.84
C ALA B 33 -13.27 26.12 -16.46
N TYR B 34 -13.90 25.36 -15.56
CA TYR B 34 -15.21 25.64 -14.98
C TYR B 34 -15.18 25.64 -13.44
N ASN B 35 -14.12 25.11 -12.84
CA ASN B 35 -14.15 24.69 -11.45
C ASN B 35 -13.67 25.83 -10.54
N VAL B 36 -14.58 26.31 -9.68
CA VAL B 36 -14.26 27.26 -8.62
C VAL B 36 -14.81 26.70 -7.31
N ASN B 37 -14.05 26.87 -6.22
CA ASN B 37 -14.50 26.41 -4.92
C ASN B 37 -13.78 27.21 -3.84
N VAL B 38 -14.09 26.90 -2.58
CA VAL B 38 -13.49 27.55 -1.43
C VAL B 38 -12.68 26.52 -0.67
N ASP B 39 -11.43 26.87 -0.35
CA ASP B 39 -10.52 25.98 0.36
C ASP B 39 -10.48 26.37 1.83
N ALA B 40 -10.75 25.41 2.71
CA ALA B 40 -10.62 25.57 4.15
C ALA B 40 -9.37 24.82 4.59
N ILE B 41 -8.43 25.52 5.22
CA ILE B 41 -7.13 24.98 5.58
C ILE B 41 -7.05 24.80 7.09
N LYS B 42 -6.50 23.67 7.51
CA LYS B 42 -6.26 23.40 8.93
C LYS B 42 -4.88 22.77 9.08
N TYR B 43 -4.04 23.39 9.89
CA TYR B 43 -2.71 22.87 10.17
C TYR B 43 -2.79 21.89 11.33
N LEU B 44 -2.28 20.67 11.11
CA LEU B 44 -2.42 19.58 12.06
C LEU B 44 -1.12 19.39 12.84
N LYS B 45 -1.23 19.41 14.17
CA LYS B 45 -0.14 19.07 15.05
C LYS B 45 -0.27 17.61 15.46
N GLU B 46 0.68 17.13 16.28
CA GLU B 46 0.64 15.76 16.74
C GLU B 46 -0.59 15.51 17.62
N GLU B 47 -0.99 16.51 18.41
CA GLU B 47 -2.12 16.34 19.32
C GLU B 47 -3.42 16.14 18.56
N ASP B 48 -3.52 16.70 17.35
CA ASP B 48 -4.73 16.54 16.56
C ASP B 48 -4.85 15.13 15.99
N ILE B 49 -3.72 14.54 15.60
CA ILE B 49 -3.74 13.19 15.04
C ILE B 49 -4.04 12.16 16.13
N GLN B 50 -3.45 12.34 17.31
CA GLN B 50 -3.66 11.37 18.39
C GLN B 50 -5.09 11.43 18.93
N LYS B 51 -5.76 12.57 18.79
CA LYS B 51 -7.15 12.66 19.23
C LYS B 51 -8.06 11.82 18.35
N LEU B 52 -7.75 11.69 17.06
CA LEU B 52 -8.53 10.85 16.17
C LEU B 52 -8.28 9.37 16.41
N ILE B 53 -7.06 9.01 16.84
CA ILE B 53 -6.76 7.61 17.12
C ILE B 53 -7.42 7.17 18.42
N GLU B 54 -7.69 8.10 19.34
CA GLU B 54 -8.45 7.75 20.53
C GLU B 54 -9.93 7.61 20.23
N GLU B 55 -10.45 8.44 19.33
CA GLU B 55 -11.88 8.42 19.01
C GLU B 55 -12.26 7.17 18.24
N PHE B 56 -11.43 6.77 17.28
CA PHE B 56 -11.67 5.58 16.47
C PHE B 56 -10.61 4.53 16.82
N GLY B 57 -11.05 3.30 17.01
CA GLY B 57 -10.13 2.26 17.46
C GLY B 57 -8.95 2.10 16.52
N GLU B 58 -7.77 1.89 17.12
CA GLU B 58 -6.55 1.74 16.31
C GLU B 58 -6.62 0.51 15.42
N GLU B 59 -7.29 -0.55 15.88
CA GLU B 59 -7.42 -1.74 15.06
C GLU B 59 -8.34 -1.49 13.87
N GLU B 60 -9.41 -0.71 14.07
CA GLU B 60 -10.31 -0.38 12.97
C GLU B 60 -9.63 0.49 11.93
N ILE B 61 -8.70 1.35 12.36
CA ILE B 61 -7.96 2.18 11.41
C ILE B 61 -7.01 1.32 10.59
N ILE B 62 -6.22 0.48 11.26
CA ILE B 62 -5.30 -0.42 10.56
C ILE B 62 -6.06 -1.29 9.57
N GLU B 63 -7.20 -1.82 9.99
CA GLU B 63 -8.02 -2.63 9.08
C GLU B 63 -8.55 -1.80 7.92
N LYS B 64 -8.83 -0.51 8.16
CA LYS B 64 -9.30 0.35 7.08
C LYS B 64 -8.19 0.64 6.07
N ILE B 65 -6.95 0.73 6.52
CA ILE B 65 -5.83 0.91 5.60
C ILE B 65 -5.75 -0.25 4.62
N GLU B 66 -6.06 -1.46 5.09
CA GLU B 66 -6.06 -2.63 4.20
C GLU B 66 -7.10 -2.49 3.10
N GLU B 67 -8.30 -2.07 3.47
CA GLU B 67 -9.33 -1.83 2.46
C GLU B 67 -8.93 -0.72 1.50
N TYR B 68 -8.32 0.35 2.03
CA TYR B 68 -7.89 1.50 1.25
C TYR B 68 -9.05 2.07 0.44
N PRO B 69 -10.08 2.60 1.09
CA PRO B 69 -11.26 3.09 0.35
C PRO B 69 -10.92 4.29 -0.52
N ARG B 70 -11.44 4.28 -1.73
CA ARG B 70 -11.20 5.35 -2.68
C ARG B 70 -12.15 6.53 -2.50
N LYS B 71 -13.30 6.31 -1.88
CA LYS B 71 -14.27 7.36 -1.58
C LYS B 71 -14.49 7.41 -0.08
N ILE B 72 -14.90 8.58 0.40
CA ILE B 72 -15.16 8.80 1.82
C ILE B 72 -16.66 8.75 2.04
N LYS B 73 -17.15 7.65 2.62
CA LYS B 73 -18.54 7.49 2.99
C LYS B 73 -18.76 7.44 4.49
N GLU B 74 -17.68 7.47 5.27
CA GLU B 74 -17.71 7.25 6.71
C GLU B 74 -16.61 8.08 7.34
N PRO B 75 -16.79 8.59 8.56
CA PRO B 75 -15.68 9.27 9.24
C PRO B 75 -14.43 8.42 9.34
N LEU B 76 -14.58 7.10 9.49
CA LEU B 76 -13.41 6.23 9.59
C LEU B 76 -12.60 6.22 8.30
N ASP B 77 -13.27 6.35 7.15
CA ASP B 77 -12.55 6.38 5.87
C ASP B 77 -11.57 7.54 5.81
N PHE B 78 -11.97 8.70 6.35
CA PHE B 78 -11.10 9.87 6.30
C PHE B 78 -9.89 9.69 7.22
N VAL B 79 -10.08 9.13 8.41
CA VAL B 79 -8.98 8.96 9.35
C VAL B 79 -7.93 8.02 8.76
N ALA B 80 -8.38 6.91 8.15
CA ALA B 80 -7.44 5.96 7.56
C ALA B 80 -6.64 6.59 6.43
N ARG B 81 -7.32 7.27 5.50
CA ARG B 81 -6.63 7.89 4.38
C ARG B 81 -5.68 8.99 4.86
N LEU B 82 -6.11 9.77 5.86
CA LEU B 82 -5.23 10.81 6.39
C LEU B 82 -3.98 10.21 7.02
N ILE B 83 -4.15 9.18 7.84
CA ILE B 83 -2.99 8.51 8.45
C ILE B 83 -2.08 7.94 7.37
N HIS B 84 -2.67 7.34 6.33
CA HIS B 84 -1.87 6.72 5.28
C HIS B 84 -1.06 7.76 4.52
N ALA B 85 -1.65 8.91 4.23
CA ALA B 85 -0.94 9.96 3.50
C ALA B 85 0.21 10.52 4.32
N ILE B 86 0.05 10.59 5.65
CA ILE B 86 1.10 11.12 6.51
C ILE B 86 2.30 10.19 6.52
N LYS B 87 2.06 8.88 6.52
CA LYS B 87 3.16 7.93 6.59
C LYS B 87 3.99 7.90 5.30
N THR B 88 3.34 8.08 4.15
CA THR B 88 4.06 8.04 2.88
C THR B 88 4.73 9.36 2.56
N GLY B 89 4.17 10.48 3.02
CA GLY B 89 4.72 11.78 2.67
C GLY B 89 4.47 12.21 1.25
N LYS B 90 3.41 11.68 0.61
CA LYS B 90 3.06 11.99 -0.76
C LYS B 90 1.69 12.65 -0.81
N PRO B 91 1.44 13.53 -1.79
CA PRO B 91 0.13 14.17 -1.87
C PRO B 91 -0.96 13.19 -2.23
N ALA B 92 -2.18 13.50 -1.78
CA ALA B 92 -3.31 12.62 -2.04
C ALA B 92 -4.60 13.42 -1.90
N ALA B 93 -5.57 13.11 -2.76
CA ALA B 93 -6.89 13.74 -2.73
C ALA B 93 -7.94 12.65 -2.82
N VAL B 94 -8.94 12.72 -1.95
CA VAL B 94 -10.00 11.71 -1.90
C VAL B 94 -11.36 12.40 -2.03
N PRO B 95 -12.21 11.95 -2.96
CA PRO B 95 -13.53 12.58 -3.10
C PRO B 95 -14.45 12.24 -1.94
N LEU B 96 -15.43 13.10 -1.72
CA LEU B 96 -16.43 12.95 -0.67
C LEU B 96 -17.72 12.45 -1.30
N ASP B 97 -18.30 11.39 -0.71
CA ASP B 97 -19.40 10.68 -1.33
C ASP B 97 -20.72 10.79 -0.57
N ASN B 98 -20.71 11.12 0.72
CA ASN B 98 -21.91 11.26 1.52
C ASN B 98 -22.02 12.69 2.01
N GLU B 99 -22.96 13.45 1.43
CA GLU B 99 -23.13 14.86 1.78
C GLU B 99 -23.48 15.07 3.25
N GLU B 100 -23.84 14.01 3.97
CA GLU B 100 -24.15 14.16 5.39
C GLU B 100 -22.92 14.54 6.21
N LEU B 101 -21.73 14.10 5.78
CA LEU B 101 -20.51 14.36 6.53
C LEU B 101 -20.04 15.81 6.43
N ASN B 102 -20.57 16.59 5.49
CA ASN B 102 -20.19 18.01 5.39
C ASN B 102 -20.39 18.73 6.71
N LYS B 103 -21.46 18.40 7.44
CA LYS B 103 -21.69 18.97 8.76
C LYS B 103 -20.73 18.42 9.79
N TRP B 104 -20.13 17.24 9.54
CA TRP B 104 -19.22 16.65 10.51
C TRP B 104 -17.83 17.27 10.45
N PHE B 105 -17.35 17.60 9.25
CA PHE B 105 -16.02 18.15 9.10
C PHE B 105 -15.89 19.53 9.72
N ASP B 106 -16.97 20.32 9.72
CA ASP B 106 -16.89 21.68 10.20
C ASP B 106 -16.75 21.75 11.72
N SER B 107 -17.41 20.83 12.43
CA SER B 107 -17.44 20.87 13.89
C SER B 107 -16.19 20.26 14.51
N LEU B 108 -15.49 19.38 13.80
CA LEU B 108 -14.34 18.69 14.39
C LEU B 108 -13.15 19.64 14.56
N PHE B 109 -12.95 20.55 13.61
CA PHE B 109 -11.82 21.46 13.63
C PHE B 109 -12.28 22.88 13.35
N LYS B 110 -11.52 23.83 13.88
CA LYS B 110 -11.69 25.24 13.54
C LYS B 110 -10.64 25.60 12.49
N TYR B 111 -11.09 25.75 11.24
CA TYR B 111 -10.17 25.98 10.14
C TYR B 111 -9.34 27.24 10.37
N ASP B 112 -8.05 27.16 10.04
CA ASP B 112 -7.14 28.26 10.31
C ASP B 112 -7.29 29.40 9.31
N GLU B 113 -7.73 29.11 8.09
CA GLU B 113 -7.97 30.15 7.11
C GLU B 113 -8.83 29.59 5.98
N GLU B 114 -9.39 30.51 5.20
CA GLU B 114 -10.13 30.18 3.98
C GLU B 114 -9.58 31.01 2.83
N ARG B 115 -9.49 30.38 1.66
CA ARG B 115 -8.94 31.03 0.49
C ARG B 115 -9.76 30.66 -0.74
N MET B 116 -9.46 31.33 -1.85
CA MET B 116 -10.05 30.97 -3.13
C MET B 116 -9.45 29.66 -3.62
N GLY B 117 -10.32 28.72 -4.01
CA GLY B 117 -9.89 27.43 -4.50
C GLY B 117 -10.33 27.19 -5.94
N GLY B 118 -9.97 26.02 -6.44
CA GLY B 118 -10.29 25.66 -7.82
C GLY B 118 -9.27 26.20 -8.78
N GLN B 119 -9.03 25.46 -9.88
CA GLN B 119 -8.04 25.89 -10.86
C GLN B 119 -8.46 27.18 -11.57
N VAL B 120 -9.76 27.45 -11.65
CA VAL B 120 -10.22 28.68 -12.27
C VAL B 120 -10.03 29.86 -11.33
N GLY B 121 -10.48 29.72 -10.08
CA GLY B 121 -10.43 30.84 -9.16
C GLY B 121 -9.02 31.29 -8.84
N ILE B 122 -8.09 30.33 -8.74
CA ILE B 122 -6.72 30.69 -8.38
C ILE B 122 -5.99 31.31 -9.55
N ILE B 123 -6.19 30.79 -10.76
CA ILE B 123 -5.49 31.32 -11.93
C ILE B 123 -6.11 32.65 -12.36
N ALA B 124 -7.43 32.77 -12.28
CA ALA B 124 -8.08 34.03 -12.66
C ALA B 124 -7.64 35.16 -11.74
N ASN B 125 -7.56 34.91 -10.44
CA ASN B 125 -7.06 35.92 -9.52
C ASN B 125 -5.60 36.25 -9.79
N LEU B 126 -4.82 35.27 -10.24
CA LEU B 126 -3.43 35.52 -10.58
C LEU B 126 -3.31 36.38 -11.82
N LEU B 127 -4.14 36.13 -12.83
CA LEU B 127 -4.08 36.92 -14.06
C LEU B 127 -4.57 38.34 -13.85
N ALA B 128 -5.47 38.55 -12.89
CA ALA B 128 -5.88 39.92 -12.56
C ALA B 128 -4.72 40.69 -11.94
N ILE B 129 -3.94 40.03 -11.09
CA ILE B 129 -2.75 40.67 -10.51
C ILE B 129 -1.72 40.94 -11.58
N LEU B 130 -1.56 40.01 -12.53
CA LEU B 130 -0.69 40.26 -13.67
C LEU B 130 -1.26 41.30 -14.63
N ASP B 131 -2.51 41.74 -14.41
CA ASP B 131 -3.09 42.90 -15.08
C ASP B 131 -3.31 42.64 -16.58
N LEU B 132 -3.97 41.52 -16.88
CA LEU B 132 -4.40 41.28 -18.26
C LEU B 132 -5.54 42.22 -18.61
N LYS B 133 -5.74 42.42 -19.92
CA LYS B 133 -6.73 43.39 -20.38
C LYS B 133 -8.13 43.01 -19.92
N LYS B 134 -8.54 41.77 -20.18
CA LYS B 134 -9.87 41.32 -19.79
C LYS B 134 -9.78 39.85 -19.40
N VAL B 135 -10.27 39.53 -18.20
CA VAL B 135 -10.20 38.18 -17.66
C VAL B 135 -11.64 37.73 -17.37
N ILE B 136 -12.15 36.79 -18.17
CA ILE B 136 -13.49 36.25 -17.99
C ILE B 136 -13.37 34.93 -17.25
N ALA B 137 -13.96 34.87 -16.05
CA ALA B 137 -13.98 33.66 -15.25
C ALA B 137 -15.42 33.20 -15.09
N TYR B 138 -15.64 31.89 -15.18
CA TYR B 138 -16.98 31.34 -15.13
C TYR B 138 -17.02 30.08 -14.30
N SER B 139 -18.07 29.95 -13.49
CA SER B 139 -18.34 28.78 -12.67
C SER B 139 -19.84 28.49 -12.77
N PRO B 140 -20.23 27.21 -12.79
CA PRO B 140 -21.66 26.90 -12.96
C PRO B 140 -22.54 27.44 -11.85
N LEU B 141 -22.05 27.47 -10.60
CA LEU B 141 -22.80 28.04 -9.49
C LEU B 141 -21.94 29.07 -8.79
N LEU B 142 -22.55 30.21 -8.45
CA LEU B 142 -21.83 31.33 -7.83
C LEU B 142 -22.68 31.87 -6.68
N SER B 143 -22.21 31.66 -5.46
CA SER B 143 -22.86 32.18 -4.27
C SER B 143 -22.18 33.47 -3.82
N LYS B 144 -22.80 34.13 -2.84
CA LYS B 144 -22.23 35.38 -2.32
C LYS B 144 -20.89 35.14 -1.66
N LYS B 145 -20.79 34.10 -0.84
CA LYS B 145 -19.52 33.79 -0.18
C LYS B 145 -18.44 33.41 -1.18
N GLN B 146 -18.82 32.72 -2.25
CA GLN B 146 -17.86 32.38 -3.31
C GLN B 146 -17.49 33.61 -4.13
N ALA B 147 -18.43 34.54 -4.30
CA ALA B 147 -18.17 35.71 -5.13
C ALA B 147 -17.17 36.66 -4.49
N GLU B 148 -17.12 36.69 -3.15
CA GLU B 148 -16.21 37.59 -2.47
C GLU B 148 -14.75 37.18 -2.57
N MET B 149 -14.48 35.96 -3.05
CA MET B 149 -13.10 35.50 -3.24
C MET B 149 -12.49 36.00 -4.54
N PHE B 150 -13.29 36.56 -5.44
CA PHE B 150 -12.80 36.99 -6.74
C PHE B 150 -12.13 38.36 -6.65
N ASN B 151 -11.20 38.60 -7.56
CA ASN B 151 -10.60 39.92 -7.72
C ASN B 151 -11.61 40.88 -8.34
N ASN B 152 -11.41 42.17 -8.09
CA ASN B 152 -12.36 43.17 -8.59
C ASN B 152 -12.30 43.29 -10.11
N ASP B 153 -11.14 43.02 -10.71
CA ASP B 153 -10.99 43.18 -12.15
C ASP B 153 -11.65 42.06 -12.95
N LEU B 154 -12.09 40.99 -12.29
CA LEU B 154 -12.65 39.85 -12.99
C LEU B 154 -14.06 40.15 -13.48
N LEU B 155 -14.48 39.41 -14.51
CA LEU B 155 -15.81 39.54 -15.09
C LEU B 155 -16.48 38.19 -15.14
N TYR B 156 -17.78 38.17 -14.83
CA TYR B 156 -18.58 36.95 -14.84
C TYR B 156 -19.64 37.04 -15.92
N PRO B 157 -19.76 36.03 -16.78
CA PRO B 157 -20.73 36.10 -17.89
C PRO B 157 -22.12 35.72 -17.43
N ILE B 158 -23.09 36.59 -17.74
CA ILE B 158 -24.50 36.37 -17.46
C ILE B 158 -25.31 36.80 -18.67
N VAL B 159 -26.51 36.26 -18.79
CA VAL B 159 -27.41 36.59 -19.90
C VAL B 159 -28.68 37.19 -19.32
N GLU B 160 -28.99 38.43 -19.74
CA GLU B 160 -30.20 39.11 -19.33
C GLU B 160 -30.83 39.77 -20.55
N ASN B 161 -32.16 39.68 -20.64
CA ASN B 161 -32.92 40.24 -21.75
C ASN B 161 -32.42 39.70 -23.10
N GLY B 162 -31.98 38.44 -23.13
CA GLY B 162 -31.49 37.84 -24.35
C GLY B 162 -30.17 38.36 -24.85
N LYS B 163 -29.42 39.08 -24.02
CA LYS B 163 -28.13 39.65 -24.41
C LYS B 163 -27.09 39.31 -23.36
N LEU B 164 -25.89 38.97 -23.82
CA LEU B 164 -24.79 38.63 -22.92
C LEU B 164 -24.22 39.88 -22.28
N VAL B 165 -24.12 39.87 -20.94
CA VAL B 165 -23.61 40.99 -20.17
C VAL B 165 -22.50 40.49 -19.27
N LEU B 166 -21.39 41.21 -19.22
CA LEU B 166 -20.28 40.91 -18.32
C LEU B 166 -20.38 41.80 -17.09
N LYS B 167 -20.54 41.18 -15.93
CA LYS B 167 -20.73 41.91 -14.67
C LYS B 167 -19.62 41.55 -13.71
N LYS B 168 -19.45 42.41 -12.71
CA LYS B 168 -18.52 42.10 -11.63
C LYS B 168 -19.03 40.89 -10.86
N PRO B 169 -18.13 40.03 -10.37
CA PRO B 169 -18.60 38.82 -9.67
C PRO B 169 -19.40 39.11 -8.42
N ILE B 170 -19.12 40.24 -7.74
CA ILE B 170 -19.82 40.56 -6.49
C ILE B 170 -21.28 40.88 -6.72
N GLU B 171 -21.67 41.22 -7.95
CA GLU B 171 -23.05 41.55 -8.26
C GLU B 171 -23.71 40.55 -9.20
N ALA B 172 -23.10 39.38 -9.40
CA ALA B 172 -23.68 38.33 -10.24
C ALA B 172 -23.98 37.07 -9.45
N TYR B 173 -23.90 37.12 -8.13
CA TYR B 173 -24.16 35.94 -7.31
C TYR B 173 -25.66 35.70 -7.16
N LYS B 174 -26.01 34.45 -6.86
CA LYS B 174 -27.38 34.08 -6.54
C LYS B 174 -27.45 33.70 -5.07
N ASP B 175 -28.46 34.22 -4.38
CA ASP B 175 -28.59 33.97 -2.93
C ASP B 175 -28.76 32.49 -2.63
N ASN B 176 -29.44 31.74 -3.51
CA ASN B 176 -29.78 30.36 -3.24
C ASN B 176 -28.67 29.37 -3.57
N ASP B 177 -27.74 29.75 -4.46
CA ASP B 177 -26.73 28.80 -4.94
C ASP B 177 -25.93 28.24 -3.77
N PRO B 178 -25.73 26.93 -3.70
CA PRO B 178 -24.87 26.36 -2.66
C PRO B 178 -23.40 26.67 -2.93
N ILE B 179 -22.57 26.46 -1.92
CA ILE B 179 -21.15 26.75 -1.99
C ILE B 179 -20.38 25.43 -1.95
N LYS B 180 -19.47 25.26 -2.89
CA LYS B 180 -18.61 24.09 -2.95
C LYS B 180 -17.36 24.33 -2.10
N ILE B 181 -17.10 23.42 -1.17
CA ILE B 181 -16.03 23.59 -0.19
C ILE B 181 -15.10 22.39 -0.26
N ASN B 182 -13.80 22.66 -0.43
CA ASN B 182 -12.76 21.67 -0.29
C ASN B 182 -11.97 21.93 1.00
N ARG B 183 -11.45 20.86 1.60
CA ARG B 183 -10.76 20.96 2.88
C ARG B 183 -9.36 20.40 2.72
N ILE B 184 -8.35 21.20 3.06
CA ILE B 184 -6.96 20.83 2.94
C ILE B 184 -6.38 20.72 4.35
N PHE B 185 -5.71 19.60 4.62
CA PHE B 185 -5.10 19.33 5.92
C PHE B 185 -3.58 19.31 5.76
N GLU B 186 -2.89 20.24 6.40
CA GLU B 186 -1.45 20.36 6.31
C GLU B 186 -0.79 19.77 7.56
N PHE B 187 0.31 19.05 7.35
CA PHE B 187 1.10 18.49 8.42
C PHE B 187 2.57 18.74 8.15
N LYS B 188 3.28 19.17 9.18
CA LYS B 188 4.70 19.50 9.04
C LYS B 188 5.55 18.24 8.96
N GLU B 189 6.77 18.42 8.46
CA GLU B 189 7.72 17.32 8.36
C GLU B 189 8.18 16.88 9.75
N GLY B 190 8.19 15.58 10.00
CA GLY B 190 8.62 15.04 11.28
C GLY B 190 7.54 14.72 12.26
N ILE B 191 6.27 14.69 11.84
CA ILE B 191 5.19 14.40 12.77
C ILE B 191 5.19 12.91 13.11
N LYS B 192 5.15 12.58 14.40
CA LYS B 192 5.30 11.22 14.88
C LYS B 192 4.10 10.83 15.72
N PHE B 193 3.57 9.63 15.48
CA PHE B 193 2.49 9.09 16.29
C PHE B 193 2.51 7.57 16.13
N LYS B 194 1.93 6.89 17.11
CA LYS B 194 1.93 5.43 17.16
C LYS B 194 0.57 4.89 16.76
N LEU B 195 0.55 3.96 15.80
CA LEU B 195 -0.66 3.31 15.33
C LEU B 195 -0.41 1.80 15.30
N GLY B 196 -0.74 1.13 16.39
CA GLY B 196 -0.60 -0.32 16.43
C GLY B 196 0.83 -0.72 16.73
N ASP B 197 1.40 -1.58 15.89
CA ASP B 197 2.74 -2.10 16.10
C ASP B 197 3.83 -1.19 15.56
N GLU B 198 3.57 -0.48 14.46
CA GLU B 198 4.59 0.30 13.76
C GLU B 198 4.39 1.78 14.06
N LYS B 199 5.43 2.42 14.58
CA LYS B 199 5.41 3.86 14.77
C LYS B 199 5.54 4.57 13.42
N ILE B 200 4.90 5.72 13.30
CA ILE B 200 4.82 6.47 12.05
C ILE B 200 5.58 7.78 12.22
N ILE B 201 6.51 8.04 11.31
CA ILE B 201 7.23 9.29 11.23
C ILE B 201 7.21 9.75 9.78
N ALA B 202 6.63 10.91 9.52
CA ALA B 202 6.54 11.40 8.16
C ALA B 202 7.93 11.60 7.57
N PRO B 203 8.15 11.27 6.31
CA PRO B 203 9.44 11.59 5.68
C PRO B 203 9.51 13.03 5.19
N GLN B 204 8.45 13.49 4.54
CA GLN B 204 8.37 14.85 4.03
C GLN B 204 7.07 15.49 4.51
N ALA B 205 6.99 16.81 4.36
CA ALA B 205 5.78 17.55 4.71
C ALA B 205 4.89 17.68 3.50
N ASN B 206 3.57 17.53 3.71
CA ASN B 206 2.63 17.56 2.60
C ASN B 206 1.24 17.87 3.13
N ARG B 207 0.26 17.87 2.22
CA ARG B 207 -1.11 18.24 2.52
C ARG B 207 -2.07 17.21 1.97
N PHE B 208 -3.10 16.88 2.76
CA PHE B 208 -4.14 15.93 2.39
C PHE B 208 -5.42 16.68 2.10
N ILE B 209 -6.04 16.39 0.97
CA ILE B 209 -7.19 17.13 0.47
C ILE B 209 -8.42 16.23 0.49
N VAL B 210 -9.53 16.76 1.00
CA VAL B 210 -10.84 16.11 0.95
C VAL B 210 -11.70 16.95 0.01
N ALA B 211 -11.80 16.52 -1.25
CA ALA B 211 -12.59 17.23 -2.24
C ALA B 211 -14.03 16.72 -2.21
N SER B 212 -14.98 17.65 -2.17
CA SER B 212 -16.39 17.31 -2.09
C SER B 212 -17.01 17.30 -3.49
N ARG B 213 -17.66 16.19 -3.83
CA ARG B 213 -18.31 16.05 -5.12
C ARG B 213 -19.81 16.17 -4.94
N PRO B 214 -20.44 17.25 -5.37
CA PRO B 214 -21.87 17.43 -5.10
C PRO B 214 -22.77 16.85 -6.19
N GLU B 215 -23.60 15.89 -5.81
CA GLU B 215 -24.59 15.29 -6.70
C GLU B 215 -25.96 15.91 -6.42
N ASN B 216 -26.60 16.41 -7.47
CA ASN B 216 -27.87 17.14 -7.51
C ASN B 216 -27.69 18.60 -7.08
N LEU B 217 -26.47 19.04 -6.76
CA LEU B 217 -26.20 20.43 -6.39
C LEU B 217 -25.56 21.22 -7.53
N ALA B 218 -24.49 20.67 -8.13
CA ALA B 218 -23.80 21.38 -9.19
C ALA B 218 -23.04 20.39 -10.05
N ARG B 219 -22.91 20.73 -11.34
CA ARG B 219 -22.18 19.93 -12.32
C ARG B 219 -21.34 20.88 -13.17
N ILE B 220 -20.19 20.40 -13.63
CA ILE B 220 -19.33 21.24 -14.46
C ILE B 220 -19.86 21.22 -15.89
N GLU B 221 -20.33 22.38 -16.35
CA GLU B 221 -20.95 22.52 -17.66
C GLU B 221 -21.20 24.01 -17.88
N ILE B 222 -21.53 24.34 -19.11
CA ILE B 222 -22.02 25.67 -19.45
C ILE B 222 -23.54 25.63 -19.39
N LYS B 223 -24.14 26.67 -18.83
CA LYS B 223 -25.57 26.68 -18.58
C LYS B 223 -26.35 26.61 -19.89
N GLU B 224 -27.61 26.18 -19.78
CA GLU B 224 -28.48 26.06 -20.94
C GLU B 224 -28.64 27.40 -21.64
N ASP B 225 -28.73 28.50 -20.87
CA ASP B 225 -28.92 29.82 -21.45
C ASP B 225 -27.63 30.41 -22.00
N LEU B 226 -26.49 30.02 -21.44
CA LEU B 226 -25.21 30.64 -21.82
C LEU B 226 -24.52 29.93 -22.97
N LYS B 227 -24.83 28.65 -23.22
CA LYS B 227 -24.13 27.91 -24.27
C LYS B 227 -24.26 28.58 -25.63
N LYS B 228 -25.45 29.10 -25.94
CA LYS B 228 -25.66 29.74 -27.23
C LYS B 228 -24.82 31.00 -27.41
N TYR B 229 -24.20 31.50 -26.34
CA TYR B 229 -23.40 32.72 -26.39
C TYR B 229 -21.90 32.47 -26.37
N LEU B 230 -21.48 31.21 -26.42
CA LEU B 230 -20.05 30.91 -26.41
C LEU B 230 -19.31 31.44 -27.65
N PRO B 231 -19.86 31.36 -28.87
CA PRO B 231 -19.18 32.04 -29.99
C PRO B 231 -19.03 33.54 -29.79
N GLU B 232 -19.98 34.17 -29.08
CA GLU B 232 -19.84 35.59 -28.78
C GLU B 232 -18.72 35.85 -27.78
N ILE B 233 -18.50 34.91 -26.87
CA ILE B 233 -17.41 35.06 -25.91
C ILE B 233 -16.06 34.90 -26.59
N GLY B 234 -15.93 33.90 -27.46
CA GLY B 234 -14.66 33.66 -28.13
C GLY B 234 -14.23 34.75 -29.08
N GLU B 235 -15.17 35.55 -29.58
CA GLU B 235 -14.80 36.62 -30.50
C GLU B 235 -14.00 37.72 -29.80
N MET B 236 -14.42 38.11 -28.60
CA MET B 236 -13.75 39.17 -27.85
C MET B 236 -12.56 38.69 -27.05
N VAL B 237 -12.27 37.39 -27.04
CA VAL B 237 -11.25 36.81 -26.18
C VAL B 237 -10.17 36.17 -27.04
N ASP B 238 -8.91 36.33 -26.62
CA ASP B 238 -7.78 35.82 -27.39
C ASP B 238 -7.55 34.33 -27.18
N CYS B 239 -7.71 33.85 -25.95
CA CYS B 239 -7.40 32.46 -25.65
C CYS B 239 -8.30 31.97 -24.51
N ALA B 240 -8.24 30.67 -24.25
CA ALA B 240 -9.03 30.06 -23.20
C ALA B 240 -8.25 28.93 -22.54
N ILE B 241 -8.48 28.75 -21.24
CA ILE B 241 -7.89 27.67 -20.45
C ILE B 241 -9.03 26.95 -19.75
N LEU B 242 -9.30 25.72 -20.15
CA LEU B 242 -10.38 24.91 -19.62
C LEU B 242 -9.82 23.86 -18.68
N SER B 243 -10.56 23.56 -17.61
CA SER B 243 -10.11 22.62 -16.59
C SER B 243 -11.30 22.23 -15.73
N GLY B 244 -11.06 21.29 -14.81
CA GLY B 244 -12.06 20.86 -13.86
C GLY B 244 -12.71 19.52 -14.15
N TYR B 245 -12.21 18.78 -15.15
CA TYR B 245 -12.87 17.54 -15.57
C TYR B 245 -12.76 16.44 -14.53
N GLN B 246 -11.86 16.56 -13.55
CA GLN B 246 -11.73 15.53 -12.53
C GLN B 246 -12.88 15.50 -11.55
N GLY B 247 -13.80 16.47 -11.62
CA GLY B 247 -14.94 16.50 -10.73
C GLY B 247 -16.16 15.76 -11.23
N ILE B 248 -16.15 15.30 -12.48
CA ILE B 248 -17.29 14.57 -13.02
C ILE B 248 -17.40 13.21 -12.35
N LYS B 249 -18.63 12.80 -12.08
CA LYS B 249 -18.90 11.46 -11.56
C LYS B 249 -19.24 10.51 -12.69
N GLU B 250 -19.02 9.21 -12.44
CA GLU B 250 -19.33 8.20 -13.44
C GLU B 250 -20.83 8.06 -13.62
N LYS B 251 -21.57 7.91 -12.51
CA LYS B 251 -23.02 7.76 -12.55
C LYS B 251 -23.66 8.77 -11.61
N TYR B 252 -24.76 9.38 -12.07
CA TYR B 252 -25.51 10.34 -11.29
C TYR B 252 -26.88 9.77 -10.93
N SER B 253 -27.46 10.31 -9.85
CA SER B 253 -28.73 9.81 -9.35
C SER B 253 -29.87 10.08 -10.32
N ASP B 254 -29.81 11.18 -11.05
CA ASP B 254 -30.85 11.54 -12.01
C ASP B 254 -30.72 10.80 -13.34
N GLY B 255 -29.72 9.92 -13.48
CA GLY B 255 -29.53 9.16 -14.70
C GLY B 255 -28.47 9.71 -15.63
N LYS B 256 -27.87 10.86 -15.31
CA LYS B 256 -26.83 11.43 -16.16
C LYS B 256 -25.52 10.67 -15.95
N THR B 257 -24.74 10.56 -17.02
CA THR B 257 -23.48 9.86 -17.00
C THR B 257 -22.33 10.81 -17.29
N ALA B 258 -21.11 10.34 -17.03
CA ALA B 258 -19.93 11.14 -17.36
C ALA B 258 -19.82 11.39 -18.86
N GLU B 259 -20.28 10.45 -19.67
CA GLU B 259 -20.25 10.63 -21.12
C GLU B 259 -21.16 11.78 -21.54
N TYR B 260 -22.21 12.07 -20.78
CA TYR B 260 -23.11 13.17 -21.13
C TYR B 260 -22.45 14.52 -20.91
N TYR B 261 -21.64 14.65 -19.85
CA TYR B 261 -20.98 15.93 -19.58
C TYR B 261 -19.70 16.09 -20.40
N PHE B 262 -18.98 15.00 -20.67
CA PHE B 262 -17.83 15.10 -21.54
C PHE B 262 -18.23 15.40 -22.98
N LYS B 263 -19.39 14.88 -23.41
CA LYS B 263 -19.90 15.24 -24.74
C LYS B 263 -20.26 16.72 -24.78
N ARG B 264 -20.88 17.24 -23.72
CA ARG B 264 -21.19 18.65 -23.66
C ARG B 264 -19.93 19.50 -23.54
N ALA B 265 -18.89 18.98 -22.87
CA ALA B 265 -17.64 19.72 -22.76
C ALA B 265 -16.94 19.81 -24.10
N LYS B 266 -17.01 18.76 -24.91
CA LYS B 266 -16.45 18.82 -26.26
C LYS B 266 -17.22 19.80 -27.13
N GLU B 267 -18.53 19.94 -26.90
CA GLU B 267 -19.31 20.93 -27.63
C GLU B 267 -18.85 22.35 -27.30
N ASP B 268 -18.55 22.61 -26.03
CA ASP B 268 -18.13 23.96 -25.62
C ASP B 268 -16.89 24.40 -26.37
N ILE B 269 -15.90 23.50 -26.51
CA ILE B 269 -14.66 23.85 -27.19
C ILE B 269 -14.94 24.22 -28.65
N LYS B 270 -15.88 23.51 -29.29
CA LYS B 270 -16.20 23.80 -30.68
C LYS B 270 -16.84 25.17 -30.85
N LEU B 271 -17.74 25.55 -29.94
CA LEU B 271 -18.39 26.85 -30.05
C LEU B 271 -17.42 27.99 -29.79
N LEU B 272 -16.46 27.79 -28.88
CA LEU B 272 -15.48 28.84 -28.60
C LEU B 272 -14.51 29.02 -29.77
N LYS B 273 -14.16 27.93 -30.45
CA LYS B 273 -13.20 27.97 -31.54
C LYS B 273 -13.85 28.31 -32.88
N LYS B 274 -15.12 28.71 -32.89
CA LYS B 274 -15.72 29.25 -34.11
C LYS B 274 -14.97 30.48 -34.56
N LYS B 275 -14.59 31.34 -33.62
CA LYS B 275 -13.69 32.45 -33.89
C LYS B 275 -12.24 32.00 -33.69
N ASP B 276 -11.30 32.89 -34.02
CA ASP B 276 -9.89 32.61 -33.83
C ASP B 276 -9.56 32.67 -32.35
N ILE B 277 -9.23 31.52 -31.76
CA ILE B 277 -8.94 31.43 -30.34
C ILE B 277 -8.04 30.24 -30.10
N LYS B 278 -7.27 30.30 -29.00
CA LYS B 278 -6.34 29.24 -28.62
C LYS B 278 -6.78 28.67 -27.28
N VAL B 279 -7.05 27.37 -27.25
CA VAL B 279 -7.49 26.69 -26.03
C VAL B 279 -6.29 25.97 -25.42
N HIS B 280 -6.19 26.04 -24.09
CA HIS B 280 -5.13 25.36 -23.36
C HIS B 280 -5.73 24.42 -22.32
N LEU B 281 -5.05 23.30 -22.09
CA LEU B 281 -5.47 22.31 -21.11
C LEU B 281 -4.27 21.87 -20.30
N GLU B 282 -4.36 22.00 -18.98
CA GLU B 282 -3.36 21.45 -18.06
C GLU B 282 -3.84 20.07 -17.62
N PHE B 283 -3.14 19.04 -18.06
CA PHE B 283 -3.53 17.66 -17.77
C PHE B 283 -3.26 17.35 -16.31
N ALA B 284 -4.29 17.37 -15.49
CA ALA B 284 -4.17 17.09 -14.07
C ALA B 284 -4.22 15.59 -13.81
N SER B 285 -3.73 15.18 -12.64
CA SER B 285 -3.72 13.78 -12.25
C SER B 285 -5.10 13.36 -11.80
N ILE B 286 -5.61 12.27 -12.37
CA ILE B 286 -6.94 11.74 -12.05
C ILE B 286 -6.77 10.32 -11.55
N GLN B 287 -7.22 10.06 -10.32
CA GLN B 287 -7.05 8.74 -9.73
C GLN B 287 -7.94 7.71 -10.43
N ASN B 288 -9.13 8.12 -10.87
CA ASN B 288 -10.05 7.21 -11.53
C ASN B 288 -9.67 7.06 -13.00
N ILE B 289 -9.43 5.82 -13.43
CA ILE B 289 -8.94 5.58 -14.78
C ILE B 289 -10.05 5.77 -15.80
N LYS B 290 -11.32 5.57 -15.40
CA LYS B 290 -12.42 5.76 -16.33
C LYS B 290 -12.58 7.22 -16.71
N ILE B 291 -12.52 8.12 -15.72
CA ILE B 291 -12.61 9.55 -16.01
C ILE B 291 -11.36 10.04 -16.74
N ARG B 292 -10.19 9.48 -16.42
CA ARG B 292 -8.96 9.87 -17.09
C ARG B 292 -9.00 9.52 -18.58
N LYS B 293 -9.66 8.41 -18.93
CA LYS B 293 -9.79 8.06 -20.35
C LYS B 293 -10.65 9.06 -21.09
N LYS B 294 -11.73 9.53 -20.46
CA LYS B 294 -12.66 10.42 -21.16
C LYS B 294 -12.03 11.77 -21.49
N VAL B 295 -11.11 12.25 -20.64
CA VAL B 295 -10.40 13.49 -20.96
C VAL B 295 -9.55 13.30 -22.21
N VAL B 296 -8.86 12.16 -22.31
CA VAL B 296 -8.03 11.88 -23.48
C VAL B 296 -8.87 11.58 -24.71
N ASP B 297 -10.14 11.20 -24.53
CA ASP B 297 -10.99 10.85 -25.65
C ASP B 297 -11.80 12.03 -26.17
N TYR B 298 -12.26 12.91 -25.28
CA TYR B 298 -13.13 14.02 -25.68
C TYR B 298 -12.44 15.38 -25.66
N ILE B 299 -11.55 15.62 -24.70
CA ILE B 299 -10.94 16.93 -24.51
C ILE B 299 -9.59 17.03 -25.23
N LEU B 300 -8.70 16.08 -24.99
CA LEU B 300 -7.34 16.17 -25.51
C LEU B 300 -7.26 16.34 -27.03
N PRO B 301 -8.07 15.66 -27.86
CA PRO B 301 -7.94 15.85 -29.32
C PRO B 301 -8.41 17.21 -29.83
N ASN B 302 -9.07 18.03 -29.00
CA ASN B 302 -9.62 19.29 -29.48
C ASN B 302 -8.87 20.53 -28.99
N VAL B 303 -8.11 20.41 -27.90
CA VAL B 303 -7.37 21.55 -27.37
C VAL B 303 -6.16 21.84 -28.24
N ASP B 304 -5.69 23.08 -28.19
CA ASP B 304 -4.55 23.51 -29.00
C ASP B 304 -3.21 23.37 -28.27
N SER B 305 -3.22 23.46 -26.94
CA SER B 305 -1.99 23.40 -26.14
C SER B 305 -2.25 22.57 -24.90
N VAL B 306 -1.26 21.73 -24.55
CA VAL B 306 -1.39 20.82 -23.41
C VAL B 306 -0.14 20.94 -22.54
N GLY B 307 -0.33 20.98 -21.23
CA GLY B 307 0.77 20.91 -20.29
C GLY B 307 0.58 19.78 -19.32
N MET B 308 1.70 19.20 -18.88
CA MET B 308 1.68 18.05 -18.01
C MET B 308 3.06 17.87 -17.41
N ASP B 309 3.13 17.09 -16.33
CA ASP B 309 4.40 16.74 -15.71
C ASP B 309 4.86 15.38 -16.24
N GLU B 310 5.89 14.82 -15.61
CA GLU B 310 6.46 13.57 -16.10
C GLU B 310 5.51 12.39 -15.91
N THR B 311 4.74 12.39 -14.81
CA THR B 311 3.86 11.27 -14.54
C THR B 311 2.68 11.23 -15.51
N GLU B 312 2.14 12.39 -15.86
CA GLU B 312 0.93 12.41 -16.68
C GLU B 312 1.22 11.99 -18.12
N ILE B 313 2.37 12.40 -18.67
CA ILE B 313 2.68 11.99 -20.04
C ILE B 313 2.87 10.49 -20.12
N ALA B 314 3.34 9.86 -19.04
CA ALA B 314 3.42 8.41 -19.01
C ALA B 314 2.05 7.78 -18.91
N ASN B 315 1.13 8.43 -18.17
CA ASN B 315 -0.23 7.92 -18.08
C ASN B 315 -0.96 8.05 -19.40
N ILE B 316 -0.75 9.15 -20.13
CA ILE B 316 -1.40 9.32 -21.42
C ILE B 316 -0.85 8.31 -22.43
N LEU B 317 0.45 8.06 -22.40
CA LEU B 317 1.04 7.09 -23.32
C LEU B 317 0.60 5.67 -22.99
N ASN B 318 0.45 5.37 -21.70
CA ASN B 318 -0.01 4.04 -21.31
C ASN B 318 -1.44 3.80 -21.74
N ILE B 319 -2.31 4.81 -21.59
CA ILE B 319 -3.66 4.72 -22.13
C ILE B 319 -3.62 4.61 -23.64
N LEU B 320 -2.68 5.32 -24.28
CA LEU B 320 -2.54 5.22 -25.73
C LEU B 320 -2.08 3.84 -26.18
N GLY B 321 -1.37 3.12 -25.31
CA GLY B 321 -0.85 1.81 -25.65
C GLY B 321 0.66 1.69 -25.66
N TYR B 322 1.38 2.81 -25.68
CA TYR B 322 2.84 2.80 -25.67
C TYR B 322 3.31 2.45 -24.25
N GLU B 323 3.18 1.16 -23.92
CA GLU B 323 3.49 0.71 -22.57
C GLU B 323 4.99 0.67 -22.30
N GLU B 324 5.80 0.28 -23.31
CA GLU B 324 7.24 0.27 -23.14
C GLU B 324 7.77 1.67 -22.83
N LEU B 325 7.39 2.65 -23.67
CA LEU B 325 7.84 4.01 -23.44
C LEU B 325 7.34 4.54 -22.11
N SER B 326 6.11 4.17 -21.71
CA SER B 326 5.60 4.56 -20.41
C SER B 326 6.41 3.93 -19.29
N GLU B 327 6.80 2.66 -19.45
CA GLU B 327 7.59 1.99 -18.43
C GLU B 327 8.98 2.59 -18.32
N LYS B 328 9.60 2.89 -19.46
CA LYS B 328 10.93 3.51 -19.44
C LYS B 328 10.89 4.85 -18.72
N ILE B 329 9.91 5.70 -19.05
CA ILE B 329 9.81 7.02 -18.44
C ILE B 329 9.61 6.89 -16.93
N LEU B 330 8.73 5.99 -16.50
CA LEU B 330 8.45 5.84 -15.08
C LEU B 330 9.65 5.23 -14.35
N LYS B 331 10.32 4.26 -14.96
CA LYS B 331 11.44 3.59 -14.30
C LYS B 331 12.66 4.51 -14.24
N ASP B 332 13.14 4.98 -15.40
CA ASP B 332 14.30 5.84 -15.46
C ASP B 332 13.93 7.12 -16.20
N SER B 333 14.00 8.25 -15.51
CA SER B 333 13.72 9.55 -16.12
C SER B 333 14.86 9.92 -17.06
N LYS B 334 14.56 9.97 -18.36
CA LYS B 334 15.54 10.36 -19.36
C LYS B 334 14.90 11.37 -20.31
N ILE B 335 15.69 12.40 -20.67
CA ILE B 335 15.19 13.45 -21.54
C ILE B 335 14.79 12.88 -22.89
N GLU B 336 15.59 11.96 -23.43
CA GLU B 336 15.29 11.37 -24.73
C GLU B 336 13.91 10.71 -24.73
N ASP B 337 13.58 10.01 -23.64
CA ASP B 337 12.28 9.33 -23.57
C ASP B 337 11.14 10.33 -23.49
N VAL B 338 11.30 11.41 -22.71
CA VAL B 338 10.25 12.40 -22.57
C VAL B 338 10.04 13.16 -23.88
N ILE B 339 11.13 13.51 -24.57
CA ILE B 339 11.02 14.19 -25.85
C ILE B 339 10.32 13.30 -26.86
N GLU B 340 10.64 12.02 -26.87
CA GLU B 340 10.01 11.10 -27.82
C GLU B 340 8.52 10.95 -27.55
N GLY B 341 8.13 10.88 -26.28
CA GLY B 341 6.71 10.75 -25.97
C GLY B 341 5.93 11.99 -26.32
N ALA B 342 6.54 13.17 -26.17
CA ALA B 342 5.85 14.41 -26.50
C ALA B 342 5.69 14.58 -28.00
N LYS B 343 6.61 14.01 -28.79
CA LYS B 343 6.43 14.02 -30.24
C LYS B 343 5.25 13.16 -30.66
N ILE B 344 4.97 12.10 -29.91
CA ILE B 344 3.83 11.24 -30.23
C ILE B 344 2.52 12.00 -30.02
N LEU B 345 2.40 12.70 -28.90
CA LEU B 345 1.17 13.45 -28.62
C LEU B 345 0.98 14.59 -29.60
N LEU B 346 2.07 15.23 -30.03
CA LEU B 346 1.98 16.35 -30.96
C LEU B 346 1.36 15.90 -32.28
N ASP B 347 1.83 14.78 -32.82
CA ASP B 347 1.38 14.31 -34.12
C ASP B 347 0.12 13.46 -34.08
N LYS B 348 -0.39 13.15 -32.89
CA LYS B 348 -1.59 12.32 -32.79
C LYS B 348 -2.87 13.12 -32.74
N PHE B 349 -2.87 14.27 -32.06
CA PHE B 349 -4.06 15.08 -31.87
C PHE B 349 -3.99 16.43 -32.58
N ASN B 350 -3.00 16.62 -33.46
CA ASN B 350 -2.84 17.88 -34.20
C ASN B 350 -2.71 19.07 -33.26
N LEU B 351 -2.03 18.87 -32.14
CA LEU B 351 -1.66 19.98 -31.28
C LEU B 351 -0.65 20.87 -31.99
N GLU B 352 -0.52 22.11 -31.52
CA GLU B 352 0.50 22.99 -32.06
C GLU B 352 1.70 23.15 -31.13
N VAL B 353 1.51 23.00 -29.82
CA VAL B 353 2.60 22.99 -28.85
C VAL B 353 2.31 21.94 -27.78
N VAL B 354 3.37 21.33 -27.28
CA VAL B 354 3.31 20.40 -26.14
C VAL B 354 4.28 20.90 -25.09
N GLN B 355 3.83 20.92 -23.84
CA GLN B 355 4.63 21.42 -22.73
C GLN B 355 4.71 20.38 -21.64
N VAL B 356 5.93 20.02 -21.24
CA VAL B 356 6.19 19.06 -20.18
C VAL B 356 7.15 19.69 -19.20
N HIS B 357 6.75 19.75 -17.93
CA HIS B 357 7.54 20.39 -16.87
C HIS B 357 7.93 19.36 -15.82
N THR B 358 9.21 19.39 -15.43
CA THR B 358 9.75 18.51 -14.40
C THR B 358 10.35 19.37 -13.30
N ILE B 359 10.80 18.71 -12.23
CA ILE B 359 11.39 19.43 -11.10
C ILE B 359 12.67 20.12 -11.51
N TYR B 360 13.40 19.55 -12.48
CA TYR B 360 14.69 20.09 -12.88
C TYR B 360 14.70 20.79 -14.23
N TYR B 361 13.68 20.59 -15.05
CA TYR B 361 13.66 21.20 -16.38
C TYR B 361 12.22 21.44 -16.81
N ILE B 362 12.08 22.29 -17.83
CA ILE B 362 10.80 22.55 -18.48
C ILE B 362 11.00 22.41 -19.98
N LEU B 363 10.17 21.59 -20.61
CA LEU B 363 10.33 21.25 -22.02
C LEU B 363 9.19 21.85 -22.84
N PHE B 364 9.54 22.44 -23.99
CA PHE B 364 8.57 23.04 -24.90
C PHE B 364 8.82 22.50 -26.30
N ILE B 365 7.81 21.85 -26.87
CA ILE B 365 7.91 21.24 -28.19
C ILE B 365 6.77 21.74 -29.06
N SER B 366 7.09 22.07 -30.32
CA SER B 366 6.10 22.54 -31.27
C SER B 366 6.48 22.03 -32.66
N LYS B 367 5.60 22.30 -33.63
CA LYS B 367 5.89 21.96 -35.01
C LYS B 367 6.93 22.93 -35.58
N LYS B 368 7.55 22.51 -36.68
CA LYS B 368 8.52 23.37 -37.35
C LYS B 368 7.87 24.63 -37.88
N ASP B 369 6.64 24.51 -38.40
CA ASP B 369 5.90 25.66 -38.93
C ASP B 369 5.21 26.42 -37.80
N ASN B 370 6.04 26.94 -36.89
CA ASN B 370 5.58 27.76 -35.79
C ASN B 370 6.08 29.19 -35.98
N PRO B 371 5.21 30.19 -35.87
CA PRO B 371 5.65 31.58 -36.13
C PRO B 371 6.74 32.06 -35.19
N LEU B 372 6.81 31.51 -33.98
CA LEU B 372 7.81 31.92 -33.01
C LEU B 372 9.14 31.22 -33.26
N SER B 373 10.23 31.93 -32.99
CA SER B 373 11.56 31.36 -33.08
C SER B 373 11.90 30.62 -31.80
N LYS B 374 13.09 30.01 -31.76
CA LYS B 374 13.51 29.30 -30.55
C LYS B 374 13.77 30.27 -29.40
N GLU B 375 14.31 31.46 -29.70
CA GLU B 375 14.49 32.47 -28.65
C GLU B 375 13.15 32.95 -28.12
N GLU B 376 12.13 33.05 -28.99
CA GLU B 376 10.79 33.41 -28.52
C GLU B 376 10.17 32.28 -27.71
N LEU B 377 10.44 31.02 -28.07
CA LEU B 377 9.95 29.89 -27.29
C LEU B 377 10.70 29.72 -25.97
N LYS B 378 11.89 30.30 -25.85
CA LYS B 378 12.62 30.23 -24.59
C LYS B 378 12.17 31.31 -23.61
N LYS B 379 11.78 32.48 -24.10
CA LYS B 379 11.34 33.55 -23.22
C LYS B 379 10.05 33.19 -22.49
N THR B 380 9.14 32.49 -23.18
CA THR B 380 7.90 32.10 -22.51
C THR B 380 8.16 31.07 -21.42
N LEU B 381 9.24 30.29 -21.54
CA LEU B 381 9.61 29.34 -20.50
C LEU B 381 10.37 30.02 -19.36
N GLU B 382 11.18 31.03 -19.67
CA GLU B 382 11.85 31.79 -18.62
C GLU B 382 10.84 32.52 -17.75
N PHE B 383 9.82 33.11 -18.37
CA PHE B 383 8.78 33.78 -17.59
C PHE B 383 7.99 32.78 -16.74
N ALA B 384 7.76 31.57 -17.27
CA ALA B 384 7.01 30.57 -16.51
C ALA B 384 7.78 30.14 -15.27
N THR B 385 9.09 29.89 -15.41
CA THR B 385 9.87 29.42 -14.28
C THR B 385 10.09 30.50 -13.23
N ILE B 386 9.92 31.78 -13.60
CA ILE B 386 9.97 32.85 -12.61
C ILE B 386 8.65 32.92 -11.84
N LEU B 387 7.53 32.73 -12.53
CA LEU B 387 6.24 32.70 -11.86
C LEU B 387 6.18 31.58 -10.82
N ALA B 388 6.60 30.37 -11.20
CA ALA B 388 6.55 29.25 -10.27
C ALA B 388 7.49 29.44 -9.09
N ALA B 389 8.68 29.99 -9.35
CA ALA B 389 9.63 30.23 -8.28
C ALA B 389 9.09 31.25 -7.27
N THR B 390 8.34 32.24 -7.77
CA THR B 390 7.73 33.22 -6.87
C THR B 390 6.68 32.56 -5.99
N LYS B 391 5.81 31.75 -6.59
CA LYS B 391 4.74 31.09 -5.82
C LYS B 391 5.30 30.09 -4.82
N ALA B 392 6.44 29.47 -5.14
CA ALA B 392 7.00 28.44 -4.26
C ALA B 392 7.64 29.05 -3.01
N LYS B 393 8.21 30.25 -3.10
CA LYS B 393 8.80 30.90 -1.94
C LYS B 393 7.80 31.72 -1.14
N LEU B 394 6.81 32.32 -1.80
CA LEU B 394 5.84 33.18 -1.13
C LEU B 394 4.48 32.52 -0.93
N GLY B 395 4.33 31.27 -1.33
CA GLY B 395 3.01 30.63 -1.27
C GLY B 395 2.02 31.14 -2.31
N ASP B 396 1.82 32.45 -2.38
CA ASP B 396 0.93 33.05 -3.35
C ASP B 396 1.55 34.35 -3.85
N ILE B 397 1.13 34.75 -5.05
CA ILE B 397 1.64 35.95 -5.70
C ILE B 397 0.64 37.07 -5.43
N LYS B 398 1.03 38.02 -4.59
CA LYS B 398 0.12 39.09 -4.18
C LYS B 398 0.17 40.29 -5.12
N ASN B 399 1.34 40.62 -5.65
CA ASN B 399 1.45 41.73 -6.59
C ASN B 399 2.56 41.45 -7.59
N ILE B 400 2.68 42.34 -8.57
CA ILE B 400 3.63 42.13 -9.67
C ILE B 400 5.07 42.15 -9.14
N GLU B 401 5.37 43.03 -8.19
CA GLU B 401 6.73 43.15 -7.66
C GLU B 401 7.19 41.90 -6.92
N ASP B 402 6.29 40.95 -6.65
CA ASP B 402 6.71 39.69 -6.06
C ASP B 402 7.62 38.88 -6.98
N LEU B 403 7.56 39.12 -8.30
CA LEU B 403 8.42 38.42 -9.22
C LEU B 403 9.90 38.69 -8.96
N LYS B 404 10.23 39.76 -8.24
CA LYS B 404 11.61 40.00 -7.81
C LYS B 404 12.15 38.80 -7.05
N VAL B 405 11.34 38.21 -6.17
CA VAL B 405 11.77 37.08 -5.37
C VAL B 405 12.12 35.89 -6.27
N GLY B 406 11.33 35.66 -7.31
CA GLY B 406 11.60 34.55 -8.21
C GLY B 406 12.86 34.73 -9.04
N LEU B 407 13.21 35.98 -9.36
CA LEU B 407 14.42 36.23 -10.13
C LEU B 407 15.69 35.94 -9.34
N LYS B 408 15.63 35.98 -8.01
CA LYS B 408 16.81 35.69 -7.21
C LYS B 408 17.12 34.21 -7.16
N VAL B 409 16.17 33.36 -7.50
CA VAL B 409 16.41 31.91 -7.49
C VAL B 409 17.17 31.53 -8.76
N PRO B 410 18.30 30.86 -8.65
CA PRO B 410 19.09 30.53 -9.84
C PRO B 410 18.59 29.24 -10.51
N HIS B 411 19.12 29.01 -11.71
CA HIS B 411 18.83 27.77 -12.42
C HIS B 411 19.61 26.62 -11.80
N ASN B 412 18.94 25.49 -11.59
CA ASN B 412 19.58 24.36 -10.95
C ASN B 412 20.66 23.76 -11.84
N LYS B 413 21.67 23.18 -11.21
CA LYS B 413 22.84 22.70 -11.95
C LYS B 413 22.52 21.46 -12.79
N TYR B 414 21.68 20.56 -12.26
CA TYR B 414 21.34 19.34 -12.98
C TYR B 414 20.63 19.67 -14.29
N GLY B 415 19.73 20.65 -14.27
CA GLY B 415 19.06 21.06 -15.50
C GLY B 415 19.98 21.75 -16.48
N GLU B 416 21.05 22.37 -15.98
CA GLU B 416 22.00 23.03 -16.87
C GLU B 416 22.86 22.00 -17.61
N LEU B 417 23.35 20.99 -16.90
CA LEU B 417 24.02 19.87 -17.58
C LEU B 417 23.08 19.19 -18.55
N LEU B 418 21.81 19.05 -18.16
CA LEU B 418 20.82 18.42 -19.03
C LEU B 418 20.61 19.23 -20.30
N LYS B 419 20.53 20.56 -20.16
CA LYS B 419 20.33 21.42 -21.33
C LYS B 419 21.55 21.41 -22.24
N GLU B 420 22.75 21.33 -21.66
CA GLU B 420 23.97 21.31 -22.46
C GLU B 420 24.06 20.04 -23.30
N ILE B 421 23.61 18.91 -22.74
CA ILE B 421 23.69 17.65 -23.48
C ILE B 421 22.70 17.66 -24.63
N VAL B 422 21.45 18.04 -24.37
CA VAL B 422 20.45 18.11 -25.43
C VAL B 422 20.90 19.09 -26.52
N GLU B 423 21.47 20.24 -26.12
CA GLU B 423 21.88 21.23 -27.09
C GLU B 423 23.10 20.76 -27.89
N LYS B 424 24.03 20.06 -27.23
CA LYS B 424 25.20 19.54 -27.93
C LYS B 424 24.82 18.36 -28.83
N LEU B 425 23.87 17.52 -28.38
CA LEU B 425 23.44 16.39 -29.19
C LEU B 425 22.69 16.83 -30.45
N LYS B 426 22.26 18.09 -30.52
CA LYS B 426 21.55 18.61 -31.69
C LYS B 426 22.54 18.87 -32.83
N LYS B 427 23.17 17.79 -33.29
CA LYS B 427 24.03 17.82 -34.46
C LYS B 427 23.49 16.96 -35.59
N LYS B 428 22.21 16.59 -35.51
CA LYS B 428 21.59 15.74 -36.50
C LYS B 428 21.47 16.45 -37.84
N LYS B 429 21.26 15.66 -38.90
CA LYS B 429 21.25 16.20 -40.25
C LYS B 429 19.97 16.96 -40.55
N LYS B 430 18.82 16.45 -40.10
CA LYS B 430 17.51 17.05 -40.38
C LYS B 430 16.78 17.23 -39.05
N LYS B 431 17.12 18.29 -38.32
CA LYS B 431 16.47 18.61 -37.06
C LYS B 431 15.22 19.46 -37.24
N GLU B 432 14.87 19.82 -38.48
CA GLU B 432 13.63 20.56 -38.72
C GLU B 432 12.39 19.73 -38.43
N ASP B 433 12.55 18.49 -37.96
CA ASP B 433 11.40 17.67 -37.57
C ASP B 433 10.49 18.41 -36.61
N TYR B 434 11.05 18.99 -35.55
CA TYR B 434 10.28 19.72 -34.56
C TYR B 434 11.13 20.85 -34.01
N LYS B 435 10.48 21.78 -33.30
CA LYS B 435 11.16 22.81 -32.53
C LYS B 435 11.15 22.39 -31.07
N ILE B 436 12.34 22.24 -30.50
CA ILE B 436 12.49 21.79 -29.11
C ILE B 436 13.29 22.84 -28.35
N VAL B 437 12.77 23.26 -27.21
CA VAL B 437 13.44 24.23 -26.34
C VAL B 437 13.42 23.69 -24.92
N LEU B 438 14.57 23.75 -24.25
CA LEU B 438 14.73 23.19 -22.91
C LEU B 438 15.47 24.20 -22.05
N ILE B 439 14.88 24.56 -20.91
CA ILE B 439 15.55 25.44 -19.96
C ILE B 439 15.55 24.78 -18.59
N PRO B 440 16.56 25.03 -17.76
CA PRO B 440 16.52 24.54 -16.38
C PRO B 440 15.47 25.29 -15.57
N SER B 441 14.94 24.62 -14.56
CA SER B 441 13.93 25.23 -13.69
C SER B 441 14.60 25.96 -12.54
N ARG B 442 13.97 27.05 -12.11
CA ARG B 442 14.42 27.82 -10.95
C ARG B 442 13.93 27.09 -9.69
N PHE B 443 14.61 26.01 -9.36
CA PHE B 443 14.20 25.14 -8.26
C PHE B 443 14.48 25.78 -6.91
N VAL B 444 13.55 25.62 -5.98
CA VAL B 444 13.65 26.15 -4.63
C VAL B 444 13.90 24.99 -3.68
N GLU B 445 14.85 25.18 -2.75
CA GLU B 445 15.21 24.10 -1.84
C GLU B 445 14.13 23.86 -0.80
N ASN B 446 13.65 24.93 -0.17
CA ASN B 446 12.62 24.85 0.87
C ASN B 446 11.41 25.67 0.44
N PRO B 447 10.42 25.05 -0.18
CA PRO B 447 9.20 25.80 -0.56
C PRO B 447 8.35 26.10 0.66
N LYS B 448 7.77 27.30 0.67
CA LYS B 448 6.94 27.70 1.80
C LYS B 448 5.64 26.92 1.84
N SER B 449 5.05 26.64 0.68
CA SER B 449 3.78 25.94 0.57
C SER B 449 3.99 24.55 -0.03
N THR B 450 3.15 23.61 0.39
CA THR B 450 3.13 22.27 -0.18
C THR B 450 2.24 22.18 -1.41
N VAL B 451 1.70 23.31 -1.87
CA VAL B 451 0.78 23.28 -2.99
C VAL B 451 1.54 23.01 -4.30
N GLY B 452 0.83 22.43 -5.26
CA GLY B 452 1.44 22.16 -6.54
C GLY B 452 1.76 23.41 -7.32
N LEU B 453 2.76 23.30 -8.20
CA LEU B 453 3.21 24.41 -9.02
C LEU B 453 2.83 24.25 -10.49
N GLY B 454 2.25 23.12 -10.88
CA GLY B 454 2.07 22.83 -12.30
C GLY B 454 1.09 23.78 -12.98
N ASP B 455 0.02 24.17 -12.28
CA ASP B 455 -0.98 25.04 -12.88
C ASP B 455 -0.38 26.39 -13.25
N THR B 456 0.49 26.94 -12.40
CA THR B 456 1.10 28.22 -12.70
C THR B 456 2.21 28.11 -13.74
N ILE B 457 2.85 26.94 -13.84
CA ILE B 457 3.86 26.73 -14.87
C ILE B 457 3.22 26.68 -16.24
N SER B 458 2.14 25.91 -16.38
CA SER B 458 1.49 25.75 -17.67
C SER B 458 0.81 27.04 -18.12
N THR B 459 0.19 27.76 -17.18
CA THR B 459 -0.50 28.99 -17.55
C THR B 459 0.48 30.13 -17.81
N GLY B 460 1.65 30.09 -17.16
CA GLY B 460 2.64 31.13 -17.40
C GLY B 460 3.28 31.00 -18.77
N ALA B 461 3.50 29.76 -19.22
CA ALA B 461 4.06 29.54 -20.55
C ALA B 461 3.02 29.79 -21.64
N PHE B 462 1.78 29.33 -21.42
CA PHE B 462 0.75 29.48 -22.44
C PHE B 462 0.37 30.95 -22.65
N VAL B 463 0.24 31.71 -21.56
CA VAL B 463 -0.16 33.12 -21.69
C VAL B 463 0.95 33.93 -22.35
N SER B 464 2.22 33.66 -22.00
CA SER B 464 3.31 34.32 -22.70
C SER B 464 3.42 33.83 -24.14
N TYR B 465 3.08 32.57 -24.40
CA TYR B 465 3.09 32.07 -25.77
C TYR B 465 2.06 32.78 -26.62
N VAL B 466 0.89 33.08 -26.05
CA VAL B 466 -0.14 33.76 -26.82
C VAL B 466 0.23 35.22 -27.06
N SER B 467 0.91 35.85 -26.09
CA SER B 467 1.23 37.27 -26.22
C SER B 467 2.29 37.49 -27.29
N LEU B 468 3.28 36.59 -27.38
CA LEU B 468 4.26 36.69 -28.45
C LEU B 468 3.64 36.38 -29.81
N LEU B 469 2.70 35.43 -29.83
CA LEU B 469 2.01 35.09 -31.06
C LEU B 469 1.17 36.26 -31.57
N LYS B 470 0.70 37.11 -30.67
CA LYS B 470 -0.13 38.25 -31.05
C LYS B 470 0.65 39.31 -31.81
N LYS B 471 1.98 39.22 -31.82
CA LYS B 471 2.95 40.17 -32.38
C LYS B 471 3.35 41.19 -31.32
P AMP C . 9.49 -16.82 9.67
O1P AMP C . 9.55 -15.50 8.94
O2P AMP C . 8.42 -17.74 9.15
O3P AMP C . 9.56 -16.71 11.18
O5' AMP C . 10.84 -17.55 9.26
C5' AMP C . 11.46 -17.30 8.00
C4' AMP C . 12.88 -17.80 7.96
O4' AMP C . 13.11 -18.55 6.75
C3' AMP C . 13.95 -16.72 7.92
O3' AMP C . 14.25 -16.20 9.21
C2' AMP C . 15.14 -17.40 7.25
O2' AMP C . 15.99 -18.00 8.22
C1' AMP C . 14.47 -18.51 6.42
N9 AMP C . 14.61 -18.30 4.97
C8 AMP C . 13.83 -17.50 4.22
N7 AMP C . 14.22 -17.51 2.92
C5 AMP C . 15.28 -18.35 2.83
C6 AMP C . 16.17 -18.81 1.75
N6 AMP C . 16.01 -18.39 0.47
N1 AMP C . 17.16 -19.67 2.08
C2 AMP C . 17.33 -20.10 3.34
N3 AMP C . 16.56 -19.72 4.37
C4 AMP C . 15.53 -18.85 4.19
I IOD D . -10.04 -20.59 -9.45
I IOD E . -9.01 -11.29 24.73
I IOD F . 8.81 -30.44 5.11
I IOD G . -12.80 -16.63 11.66
I IOD H . -12.27 -26.74 12.64
I IOD I . -6.25 -21.36 12.83
I IOD J . 30.05 -16.57 18.29
I IOD K . 22.18 -22.56 -3.45
I IOD L . -0.88 32.36 -6.90
I IOD M . 13.96 17.21 -33.73
I IOD N . 9.83 25.74 -12.05
I IOD O . 7.10 21.56 -10.52
C1 GOL P . -16.63 10.08 -6.77
O1 GOL P . -17.47 10.43 -5.69
C2 GOL P . -17.47 9.56 -7.93
O2 GOL P . -18.24 8.45 -7.51
C3 GOL P . -16.55 9.14 -9.08
O3 GOL P . -17.28 8.33 -9.98
C1 GOL Q . -16.96 6.20 -17.57
O1 GOL Q . -17.50 6.15 -16.27
C2 GOL Q . -17.77 7.19 -18.42
O2 GOL Q . -19.03 6.62 -18.72
C3 GOL Q . -17.00 7.52 -19.69
O3 GOL Q . -16.48 6.33 -20.24
C1 GOL R . 17.27 24.67 -26.42
O1 GOL R . 18.14 25.57 -25.78
C2 GOL R . 17.92 23.29 -26.47
O2 GOL R . 18.09 22.81 -25.15
C3 GOL R . 17.03 22.34 -27.24
O3 GOL R . 17.78 21.21 -27.64
#